data_1ASL
#
_entry.id   1ASL
#
_cell.length_a   85.600
_cell.length_b   78.800
_cell.length_c   89.600
_cell.angle_alpha   90.00
_cell.angle_beta   118.60
_cell.angle_gamma   90.00
#
_symmetry.space_group_name_H-M   'P 1 21 1'
#
loop_
_entity.id
_entity.type
_entity.pdbx_description
1 polymer 'ASPARTATE AMINOTRANSFERASE'
2 non-polymer '2-[(3-HYDROXY-2-METHYL-5-PHOSPHONOOXYMETHYL-PYRIDIN-4-YLMETHYL)-AMINO]-2-METHYL-SUCCINIC ACID'
3 water water
#
_entity_poly.entity_id   1
_entity_poly.type   'polypeptide(L)'
_entity_poly.pdbx_seq_one_letter_code
;MFENITAAPADPILGLADLFRADERPGKINLGIGVYKDETGKTPVLTSVKKAEQYLLENETTKNYLGIDGIPEFGRCTQE
LLFGKGSALINDKRARTAQTPGGTGALRVAADFLAKNTSVKRVWVSNPSWPNHKSVFNSAGLEVREYAYYDAENHTLDFD
ALINSLNEAQAGDVVLFHGCCHNPTGIDPTLEQWQTLAQLSVEKGWLPLFDFAYQGFARGLEEDAEGLRAFAAMHKELIV
ASSYSKNFGLYNERVGACTLVAADSETVDRAFSQMKAAIRANYSNPPAHGASVVATILSNDALRAIWEQELTDMRQRIQR
MRQLFVNTLQEKGANRDFSFIIKQNGMFSFSGLTKEQVLRLREEFGVYAVASGRVNVAGMTPDNMAPLCEAIVAVL
;
_entity_poly.pdbx_strand_id   A,B
#
# COMPACT_ATOMS: atom_id res chain seq x y z
N MET A 1 7.55 22.89 14.35
CA MET A 1 6.84 22.75 13.03
C MET A 1 5.50 22.03 13.05
N PHE A 2 5.22 21.22 14.07
CA PHE A 2 3.94 20.50 14.09
C PHE A 2 2.98 21.12 15.05
N GLU A 3 3.49 22.12 15.78
CA GLU A 3 2.75 22.90 16.78
C GLU A 3 1.42 23.44 16.33
N ASN A 4 1.40 23.82 15.08
CA ASN A 4 0.26 24.44 14.41
C ASN A 4 -0.70 23.48 13.77
N ILE A 5 -0.33 22.19 13.74
CA ILE A 5 -1.15 21.22 13.06
C ILE A 5 -2.50 20.97 13.71
N THR A 6 -3.54 20.99 12.90
CA THR A 6 -4.87 20.75 13.43
C THR A 6 -5.24 19.30 13.39
N ALA A 7 -5.86 18.92 14.49
CA ALA A 7 -6.35 17.57 14.66
C ALA A 7 -7.49 17.28 13.69
N ALA A 8 -7.29 16.25 12.88
CA ALA A 8 -8.25 15.75 11.91
C ALA A 8 -9.53 15.17 12.53
N PRO A 9 -10.66 15.38 11.87
CA PRO A 9 -11.95 14.85 12.34
C PRO A 9 -11.94 13.36 12.13
N ALA A 10 -12.58 12.65 13.03
CA ALA A 10 -12.60 11.21 12.93
C ALA A 10 -13.40 10.75 11.71
N ASP A 11 -12.92 9.66 11.08
CA ASP A 11 -13.55 9.07 9.91
C ASP A 11 -14.95 8.68 10.33
N PRO A 12 -15.94 9.10 9.55
CA PRO A 12 -17.35 8.82 9.82
C PRO A 12 -17.65 7.35 10.06
N ILE A 13 -16.93 6.51 9.30
CA ILE A 13 -17.01 5.06 9.33
C ILE A 13 -15.96 4.47 10.32
N LEU A 14 -14.70 4.59 9.95
CA LEU A 14 -13.56 4.09 10.75
C LEU A 14 -13.37 4.70 12.14
N GLY A 15 -14.27 5.52 12.62
CA GLY A 15 -14.01 6.13 13.92
C GLY A 15 -15.11 5.71 14.83
N LEU A 16 -16.03 4.98 14.24
CA LEU A 16 -17.13 4.39 14.98
C LEU A 16 -16.43 3.21 15.64
N ALA A 17 -15.55 2.61 14.85
CA ALA A 17 -14.76 1.48 15.26
C ALA A 17 -13.99 1.77 16.55
N ASP A 18 -13.47 2.97 16.71
CA ASP A 18 -12.75 3.28 17.95
C ASP A 18 -13.82 3.53 18.98
N LEU A 19 -14.89 4.14 18.51
CA LEU A 19 -15.99 4.48 19.38
C LEU A 19 -16.60 3.26 20.05
N PHE A 20 -16.74 2.20 19.27
CA PHE A 20 -17.31 0.94 19.72
C PHE A 20 -16.41 0.19 20.69
N ARG A 21 -15.12 0.12 20.34
CA ARG A 21 -14.12 -0.55 21.18
C ARG A 21 -14.03 0.05 22.57
N ALA A 22 -14.05 1.37 22.65
CA ALA A 22 -13.96 2.02 23.94
C ALA A 22 -15.30 1.94 24.70
N ASP A 23 -16.32 1.40 24.03
CA ASP A 23 -17.64 1.32 24.65
C ASP A 23 -17.71 0.09 25.56
N GLU A 24 -18.08 0.35 26.80
CA GLU A 24 -18.15 -0.66 27.86
C GLU A 24 -19.47 -1.40 28.04
N ARG A 25 -20.55 -0.85 27.52
CA ARG A 25 -21.82 -1.53 27.68
C ARG A 25 -21.70 -2.90 26.98
N PRO A 26 -22.05 -3.96 27.72
CA PRO A 26 -22.04 -5.38 27.38
C PRO A 26 -22.89 -5.81 26.19
N GLY A 27 -24.18 -5.47 26.21
CA GLY A 27 -25.05 -5.87 25.12
C GLY A 27 -24.96 -4.98 23.91
N LYS A 28 -23.86 -4.22 23.81
CA LYS A 28 -23.63 -3.28 22.72
C LYS A 28 -23.57 -3.98 21.37
N ILE A 29 -24.07 -3.33 20.35
CA ILE A 29 -24.10 -3.93 19.04
C ILE A 29 -23.34 -2.99 18.10
N ASN A 30 -22.82 -3.52 17.00
CA ASN A 30 -22.06 -2.69 16.09
C ASN A 30 -22.38 -2.94 14.66
N LEU A 31 -23.20 -2.05 14.08
CA LEU A 31 -23.63 -2.09 12.67
C LEU A 31 -22.83 -1.11 11.82
N GLY A 32 -21.68 -0.69 12.36
CA GLY A 32 -20.80 0.25 11.72
C GLY A 32 -20.16 -0.15 10.42
N ILE A 33 -18.84 -0.30 10.47
CA ILE A 33 -18.05 -0.71 9.32
C ILE A 33 -18.61 -1.93 8.50
N GLY A 34 -18.31 -1.98 7.21
CA GLY A 34 -18.83 -3.03 6.35
C GLY A 34 -18.02 -4.29 6.17
N VAL A 35 -17.88 -4.96 7.31
CA VAL A 35 -17.18 -6.21 7.41
C VAL A 35 -18.21 -7.31 7.74
N TYR A 36 -18.22 -8.38 6.94
CA TYR A 36 -19.15 -9.53 7.12
C TYR A 36 -19.03 -10.30 8.44
N LYS A 37 -20.17 -10.84 8.86
CA LYS A 37 -20.23 -11.58 10.11
C LYS A 37 -20.99 -12.93 9.95
N ASP A 38 -20.77 -13.89 10.84
CA ASP A 38 -21.55 -15.14 10.73
C ASP A 38 -22.51 -15.27 11.90
N GLU A 39 -23.43 -16.25 11.84
CA GLU A 39 -24.44 -16.50 12.87
C GLU A 39 -23.98 -16.24 14.29
N THR A 40 -22.70 -16.55 14.50
CA THR A 40 -22.07 -16.40 15.79
C THR A 40 -21.50 -14.99 15.95
N GLY A 41 -21.23 -14.36 14.81
CA GLY A 41 -20.72 -12.99 14.77
C GLY A 41 -19.21 -12.87 14.79
N LYS A 42 -18.54 -13.51 13.85
CA LYS A 42 -17.08 -13.49 13.79
C LYS A 42 -16.75 -13.25 12.37
N THR A 43 -15.54 -12.75 12.12
CA THR A 43 -15.14 -12.52 10.76
C THR A 43 -14.07 -13.57 10.49
N PRO A 44 -14.54 -14.77 10.36
CA PRO A 44 -13.68 -15.90 10.13
C PRO A 44 -12.86 -15.83 8.88
N VAL A 45 -11.79 -16.59 8.90
CA VAL A 45 -10.97 -16.68 7.75
C VAL A 45 -11.57 -17.82 6.91
N LEU A 46 -12.24 -17.48 5.83
CA LEU A 46 -12.75 -18.47 4.91
C LEU A 46 -11.86 -19.73 4.83
N THR A 47 -12.50 -20.89 4.53
CA THR A 47 -11.80 -22.19 4.46
C THR A 47 -10.82 -22.34 3.31
N SER A 48 -11.31 -22.20 2.09
CA SER A 48 -10.46 -22.25 0.89
C SER A 48 -9.27 -21.32 1.10
N VAL A 49 -9.45 -20.28 1.93
CA VAL A 49 -8.34 -19.34 2.23
C VAL A 49 -7.26 -20.01 3.09
N LYS A 50 -7.65 -20.64 4.21
CA LYS A 50 -6.70 -21.38 5.09
C LYS A 50 -6.03 -22.47 4.27
N LYS A 51 -6.80 -23.14 3.43
CA LYS A 51 -6.22 -24.17 2.58
C LYS A 51 -5.17 -23.66 1.65
N ALA A 52 -5.36 -22.45 1.14
CA ALA A 52 -4.41 -21.83 0.20
C ALA A 52 -3.26 -21.30 0.97
N GLU A 53 -3.52 -20.81 2.18
CA GLU A 53 -2.40 -20.29 2.95
C GLU A 53 -1.48 -21.43 3.27
N GLN A 54 -2.07 -22.64 3.40
CA GLN A 54 -1.26 -23.82 3.73
C GLN A 54 -0.40 -24.20 2.56
N TYR A 55 -0.98 -24.18 1.37
CA TYR A 55 -0.21 -24.45 0.19
C TYR A 55 0.96 -23.49 0.19
N LEU A 56 0.66 -22.19 0.29
CA LEU A 56 1.73 -21.19 0.22
C LEU A 56 2.83 -21.44 1.22
N LEU A 57 2.45 -21.73 2.45
CA LEU A 57 3.45 -21.94 3.48
C LEU A 57 4.45 -23.02 3.07
N GLU A 58 3.93 -24.06 2.42
CA GLU A 58 4.67 -25.23 2.00
C GLU A 58 5.48 -24.93 0.80
N ASN A 59 4.78 -24.54 -0.26
CA ASN A 59 5.39 -24.29 -1.54
C ASN A 59 6.12 -22.99 -1.84
N GLU A 60 6.06 -22.01 -0.96
CA GLU A 60 6.78 -20.82 -1.31
C GLU A 60 8.16 -20.78 -0.76
N THR A 61 9.09 -20.72 -1.72
CA THR A 61 10.52 -20.67 -1.49
C THR A 61 11.08 -19.24 -1.35
N THR A 62 10.31 -18.23 -1.71
CA THR A 62 10.82 -16.89 -1.55
C THR A 62 9.89 -15.75 -1.39
N LYS A 63 10.46 -14.72 -0.79
CA LYS A 63 9.81 -13.47 -0.48
C LYS A 63 10.19 -12.28 -1.44
N ASN A 64 11.07 -12.54 -2.42
CA ASN A 64 11.55 -11.59 -3.44
C ASN A 64 10.43 -10.71 -4.02
N TYR A 65 10.79 -9.47 -4.36
CA TYR A 65 9.83 -8.48 -4.83
C TYR A 65 8.96 -8.86 -5.98
N LEU A 66 7.69 -8.56 -5.85
CA LEU A 66 6.84 -8.80 -6.99
C LEU A 66 7.19 -7.65 -7.93
N GLY A 67 6.59 -7.61 -9.12
CA GLY A 67 6.86 -6.55 -10.06
C GLY A 67 5.91 -5.44 -9.68
N ILE A 68 6.15 -4.24 -10.20
CA ILE A 68 5.31 -3.08 -9.90
C ILE A 68 3.84 -3.39 -9.95
N ASP A 69 3.43 -4.07 -10.99
CA ASP A 69 2.04 -4.43 -11.15
C ASP A 69 1.60 -5.71 -10.40
N GLY A 70 2.53 -6.28 -9.63
CA GLY A 70 2.26 -7.49 -8.87
C GLY A 70 2.29 -8.83 -9.62
N ILE A 71 1.39 -9.76 -9.24
CA ILE A 71 1.31 -11.12 -9.78
C ILE A 71 0.40 -11.26 -11.01
N PRO A 72 0.99 -11.70 -12.14
CA PRO A 72 0.37 -11.90 -13.44
C PRO A 72 -0.89 -12.69 -13.42
N GLU A 73 -0.84 -13.82 -12.75
CA GLU A 73 -1.98 -14.69 -12.74
C GLU A 73 -3.07 -13.98 -12.00
N PHE A 74 -2.72 -13.26 -10.96
CA PHE A 74 -3.75 -12.54 -10.22
C PHE A 74 -4.46 -11.65 -11.23
N GLY A 75 -3.65 -10.86 -11.93
CA GLY A 75 -4.16 -9.97 -12.96
C GLY A 75 -5.06 -10.66 -13.98
N ARG A 76 -4.55 -11.69 -14.66
CA ARG A 76 -5.32 -12.43 -15.66
C ARG A 76 -6.61 -13.00 -15.10
N CYS A 77 -6.56 -13.45 -13.85
CA CYS A 77 -7.74 -14.03 -13.16
C CYS A 77 -8.75 -12.93 -12.84
N THR A 78 -8.26 -11.78 -12.39
CA THR A 78 -9.13 -10.65 -12.12
C THR A 78 -9.94 -10.22 -13.37
N GLN A 79 -9.29 -10.21 -14.54
CA GLN A 79 -9.94 -9.82 -15.80
C GLN A 79 -11.07 -10.72 -16.23
N GLU A 80 -10.96 -12.01 -15.97
CA GLU A 80 -12.06 -12.87 -16.36
C GLU A 80 -13.14 -12.67 -15.33
N LEU A 81 -12.74 -12.27 -14.12
CA LEU A 81 -13.70 -12.04 -13.02
C LEU A 81 -14.59 -10.88 -13.37
N LEU A 82 -13.97 -9.84 -13.95
CA LEU A 82 -14.65 -8.59 -14.38
C LEU A 82 -15.31 -8.65 -15.74
N PHE A 83 -14.52 -9.03 -16.74
CA PHE A 83 -14.91 -9.08 -18.15
C PHE A 83 -15.53 -10.32 -18.76
N GLY A 84 -14.95 -11.48 -18.57
CA GLY A 84 -15.58 -12.67 -19.16
C GLY A 84 -14.51 -13.64 -19.54
N LYS A 85 -14.86 -14.90 -19.76
CA LYS A 85 -13.84 -15.87 -20.09
C LYS A 85 -13.06 -15.45 -21.32
N GLY A 86 -13.78 -15.28 -22.45
CA GLY A 86 -13.12 -14.86 -23.69
C GLY A 86 -13.76 -13.58 -24.16
N SER A 87 -13.65 -12.54 -23.36
CA SER A 87 -14.20 -11.24 -23.69
C SER A 87 -13.19 -10.60 -24.58
N ALA A 88 -13.66 -9.81 -25.54
CA ALA A 88 -12.78 -9.13 -26.47
C ALA A 88 -11.70 -8.22 -25.83
N LEU A 89 -11.94 -7.68 -24.65
CA LEU A 89 -10.91 -6.83 -24.02
C LEU A 89 -9.70 -7.72 -23.73
N ILE A 90 -9.98 -8.96 -23.38
CA ILE A 90 -8.95 -9.94 -23.06
C ILE A 90 -8.22 -10.41 -24.35
N ASN A 91 -8.94 -10.97 -25.34
CA ASN A 91 -8.33 -11.43 -26.59
C ASN A 91 -7.68 -10.31 -27.42
N ASP A 92 -8.03 -9.06 -27.15
CA ASP A 92 -7.47 -7.93 -27.89
C ASP A 92 -6.32 -7.30 -27.15
N LYS A 93 -6.17 -7.65 -25.88
CA LYS A 93 -5.10 -7.12 -25.04
C LYS A 93 -5.34 -5.65 -24.72
N ARG A 94 -6.60 -5.24 -24.76
CA ARG A 94 -6.97 -3.86 -24.47
C ARG A 94 -6.78 -3.56 -23.00
N ALA A 95 -6.83 -4.58 -22.14
CA ALA A 95 -6.69 -4.32 -20.70
C ALA A 95 -5.34 -4.66 -20.08
N ARG A 96 -5.05 -4.01 -18.94
CA ARG A 96 -3.83 -4.21 -18.16
C ARG A 96 -4.13 -4.03 -16.66
N THR A 97 -3.84 -5.04 -15.84
CA THR A 97 -4.13 -4.99 -14.38
C THR A 97 -2.97 -4.84 -13.42
N ALA A 98 -3.14 -4.01 -12.39
CA ALA A 98 -2.07 -3.81 -11.46
C ALA A 98 -2.67 -4.21 -10.17
N GLN A 99 -1.91 -4.99 -9.41
CA GLN A 99 -2.31 -5.47 -8.11
C GLN A 99 -2.07 -4.28 -7.20
N THR A 100 -3.05 -3.92 -6.37
CA THR A 100 -2.87 -2.76 -5.50
C THR A 100 -3.29 -3.05 -4.06
N PRO A 101 -2.79 -2.28 -3.06
CA PRO A 101 -3.18 -2.47 -1.65
C PRO A 101 -4.61 -2.15 -1.39
N GLY A 102 -5.49 -3.03 -1.79
CA GLY A 102 -6.89 -2.79 -1.49
C GLY A 102 -7.54 -2.08 -2.60
N GLY A 103 -8.87 -2.03 -2.54
CA GLY A 103 -9.64 -1.33 -3.55
C GLY A 103 -9.55 0.17 -3.37
N THR A 104 -9.16 0.65 -2.18
CA THR A 104 -8.96 2.06 -1.91
C THR A 104 -7.56 2.47 -2.37
N GLY A 105 -6.82 1.54 -2.93
CA GLY A 105 -5.45 1.86 -3.34
C GLY A 105 -5.44 1.85 -4.87
N ALA A 106 -6.38 1.13 -5.48
CA ALA A 106 -6.55 1.04 -6.92
C ALA A 106 -7.24 2.35 -7.35
N LEU A 107 -8.09 2.85 -6.47
CA LEU A 107 -8.84 4.09 -6.62
C LEU A 107 -7.79 5.22 -6.62
N ARG A 108 -6.98 5.28 -5.58
CA ARG A 108 -5.92 6.29 -5.52
C ARG A 108 -4.86 6.21 -6.59
N VAL A 109 -4.43 5.02 -6.93
CA VAL A 109 -3.42 4.91 -7.96
C VAL A 109 -3.96 5.48 -9.25
N ALA A 110 -5.27 5.29 -9.51
CA ALA A 110 -6.00 5.80 -10.71
C ALA A 110 -6.07 7.34 -10.70
N ALA A 111 -6.51 7.89 -9.58
CA ALA A 111 -6.57 9.32 -9.33
C ALA A 111 -5.21 9.97 -9.58
N ASP A 112 -4.13 9.35 -9.13
CA ASP A 112 -2.80 9.91 -9.32
C ASP A 112 -2.36 9.76 -10.73
N PHE A 113 -2.96 8.81 -11.41
CA PHE A 113 -2.50 8.58 -12.76
C PHE A 113 -3.16 9.55 -13.67
N LEU A 114 -4.48 9.65 -13.54
CA LEU A 114 -5.36 10.57 -14.27
C LEU A 114 -4.91 12.05 -14.08
N ALA A 115 -4.81 12.43 -12.83
CA ALA A 115 -4.40 13.76 -12.47
C ALA A 115 -2.94 13.91 -12.72
N LYS A 116 -2.47 13.43 -13.85
CA LYS A 116 -1.03 13.60 -14.04
C LYS A 116 -0.66 13.19 -15.45
N ASN A 117 -1.57 12.48 -16.11
CA ASN A 117 -1.33 12.01 -17.44
C ASN A 117 -2.48 12.32 -18.33
N THR A 118 -3.54 12.85 -17.73
CA THR A 118 -4.68 13.28 -18.50
C THR A 118 -5.03 14.71 -18.13
N SER A 119 -6.05 15.22 -18.80
CA SER A 119 -6.49 16.58 -18.59
C SER A 119 -7.60 16.65 -17.57
N VAL A 120 -8.04 15.49 -17.06
CA VAL A 120 -9.14 15.43 -16.11
C VAL A 120 -8.96 16.40 -14.98
N LYS A 121 -10.02 17.15 -14.66
CA LYS A 121 -9.87 18.03 -13.54
C LYS A 121 -10.94 17.77 -12.54
N ARG A 122 -11.98 17.08 -12.97
CA ARG A 122 -13.00 16.71 -12.00
C ARG A 122 -13.53 15.31 -12.18
N VAL A 123 -14.01 14.80 -11.05
CA VAL A 123 -14.59 13.48 -10.92
C VAL A 123 -15.94 13.60 -10.28
N TRP A 124 -16.96 13.08 -10.95
CA TRP A 124 -18.35 13.07 -10.46
C TRP A 124 -18.69 11.79 -9.66
N VAL A 125 -19.07 11.95 -8.40
CA VAL A 125 -19.40 10.80 -7.57
C VAL A 125 -20.84 10.99 -7.17
N SER A 126 -21.58 9.92 -6.95
CA SER A 126 -22.97 10.06 -6.59
C SER A 126 -23.20 10.67 -5.22
N ASN A 127 -24.47 10.92 -4.98
CA ASN A 127 -24.99 11.48 -3.77
C ASN A 127 -26.13 10.46 -3.43
N PRO A 128 -25.95 9.67 -2.35
CA PRO A 128 -24.76 9.73 -1.50
C PRO A 128 -23.72 8.86 -2.05
N SER A 129 -22.60 8.76 -1.35
CA SER A 129 -21.50 7.91 -1.76
C SER A 129 -20.62 7.53 -0.58
N TRP A 130 -19.77 6.55 -0.81
CA TRP A 130 -18.86 6.13 0.22
C TRP A 130 -18.02 7.38 0.46
N PRO A 131 -18.09 7.91 1.66
CA PRO A 131 -17.33 9.12 1.97
C PRO A 131 -15.86 9.23 1.75
N ASN A 132 -15.22 8.28 1.10
CA ASN A 132 -13.77 8.34 0.96
C ASN A 132 -13.42 8.46 -0.49
N HIS A 133 -14.45 8.58 -1.31
CA HIS A 133 -14.23 8.75 -2.70
C HIS A 133 -13.68 10.15 -2.86
N LYS A 134 -14.29 11.09 -2.13
CA LYS A 134 -13.90 12.49 -2.12
C LYS A 134 -12.47 12.67 -1.64
N SER A 135 -12.26 12.26 -0.40
CA SER A 135 -10.98 12.36 0.24
C SER A 135 -9.86 11.81 -0.55
N VAL A 136 -10.14 10.78 -1.36
CA VAL A 136 -9.11 10.15 -2.19
C VAL A 136 -8.80 10.99 -3.40
N PHE A 137 -9.83 11.31 -4.17
CA PHE A 137 -9.63 12.11 -5.38
C PHE A 137 -9.06 13.45 -5.03
N ASN A 138 -9.61 14.12 -4.04
CA ASN A 138 -9.05 15.42 -3.64
C ASN A 138 -7.62 15.41 -3.25
N SER A 139 -7.10 14.24 -2.94
CA SER A 139 -5.71 14.15 -2.54
C SER A 139 -4.89 14.04 -3.80
N ALA A 140 -5.53 13.70 -4.92
CA ALA A 140 -4.86 13.54 -6.21
C ALA A 140 -4.82 14.88 -6.93
N GLY A 141 -5.66 15.80 -6.46
CA GLY A 141 -5.76 17.13 -7.05
C GLY A 141 -7.17 17.35 -7.52
N LEU A 142 -7.66 16.36 -8.24
CA LEU A 142 -8.99 16.32 -8.81
C LEU A 142 -10.08 16.89 -7.92
N GLU A 143 -11.08 17.47 -8.56
CA GLU A 143 -12.18 18.06 -7.85
C GLU A 143 -13.37 17.17 -8.06
N VAL A 144 -14.17 17.00 -7.02
CA VAL A 144 -15.35 16.21 -7.14
C VAL A 144 -16.63 17.02 -7.00
N ARG A 145 -17.46 16.84 -8.01
CA ARG A 145 -18.77 17.44 -8.07
C ARG A 145 -19.68 16.25 -7.84
N GLU A 146 -20.97 16.46 -7.68
CA GLU A 146 -21.78 15.32 -7.36
C GLU A 146 -23.14 15.15 -8.00
N TYR A 147 -23.36 13.98 -8.61
CA TYR A 147 -24.62 13.67 -9.26
C TYR A 147 -25.72 13.04 -8.40
N ALA A 148 -26.95 13.37 -8.74
CA ALA A 148 -28.11 12.86 -8.03
C ALA A 148 -28.23 11.34 -8.22
N TYR A 149 -28.76 10.68 -7.18
CA TYR A 149 -28.89 9.23 -7.17
C TYR A 149 -30.07 8.69 -6.40
N TYR A 150 -30.00 8.96 -5.12
CA TYR A 150 -30.97 8.45 -4.23
C TYR A 150 -32.21 9.21 -3.99
N ASP A 151 -33.29 8.62 -4.48
CA ASP A 151 -34.63 9.15 -4.24
C ASP A 151 -34.98 8.61 -2.86
N ALA A 152 -34.95 9.48 -1.88
CA ALA A 152 -35.20 9.09 -0.50
C ALA A 152 -36.62 8.99 0.07
N GLU A 153 -37.62 9.42 -0.69
CA GLU A 153 -39.00 9.40 -0.20
C GLU A 153 -39.50 7.98 -0.41
N ASN A 154 -39.13 7.43 -1.59
CA ASN A 154 -39.54 6.09 -2.03
C ASN A 154 -38.39 5.10 -2.12
N HIS A 155 -37.28 5.50 -1.51
CA HIS A 155 -36.06 4.71 -1.42
C HIS A 155 -35.71 3.98 -2.68
N THR A 156 -35.78 4.71 -3.79
CA THR A 156 -35.44 4.12 -5.04
C THR A 156 -34.37 5.04 -5.64
N LEU A 157 -33.99 4.86 -6.90
CA LEU A 157 -32.98 5.73 -7.51
C LEU A 157 -33.61 6.40 -8.74
N ASP A 158 -33.84 7.72 -8.67
CA ASP A 158 -34.43 8.37 -9.84
C ASP A 158 -33.42 8.59 -10.93
N PHE A 159 -33.55 7.75 -11.93
CA PHE A 159 -32.70 7.75 -13.08
C PHE A 159 -32.70 9.16 -13.64
N ASP A 160 -33.85 9.83 -13.55
CA ASP A 160 -34.00 11.20 -14.06
C ASP A 160 -33.04 12.14 -13.39
N ALA A 161 -33.29 12.47 -12.13
CA ALA A 161 -32.40 13.35 -11.44
C ALA A 161 -30.95 12.89 -11.55
N LEU A 162 -30.74 11.62 -11.85
CA LEU A 162 -29.38 11.12 -11.99
C LEU A 162 -28.83 11.54 -13.36
N ILE A 163 -29.64 11.31 -14.39
CA ILE A 163 -29.32 11.63 -15.77
C ILE A 163 -29.16 13.17 -15.92
N ASN A 164 -30.16 13.90 -15.45
CA ASN A 164 -30.19 15.34 -15.51
C ASN A 164 -28.95 15.92 -14.84
N SER A 165 -28.70 15.60 -13.58
CA SER A 165 -27.52 16.17 -12.90
C SER A 165 -26.19 15.88 -13.58
N LEU A 166 -26.19 14.83 -14.39
CA LEU A 166 -25.00 14.38 -15.11
C LEU A 166 -24.82 15.10 -16.39
N ASN A 167 -25.94 15.51 -16.98
CA ASN A 167 -25.96 16.25 -18.25
C ASN A 167 -25.00 17.43 -18.17
N GLU A 168 -24.80 17.89 -16.95
CA GLU A 168 -23.89 18.99 -16.68
C GLU A 168 -22.41 18.59 -16.66
N ALA A 169 -22.11 17.31 -16.54
CA ALA A 169 -20.71 16.93 -16.55
C ALA A 169 -20.25 17.22 -17.97
N GLN A 170 -19.03 17.73 -18.07
CA GLN A 170 -18.41 18.03 -19.37
C GLN A 170 -17.86 16.76 -20.02
N ALA A 171 -17.30 16.91 -21.21
CA ALA A 171 -16.75 15.76 -21.90
C ALA A 171 -15.32 15.69 -21.48
N GLY A 172 -14.88 14.53 -21.02
CA GLY A 172 -13.49 14.40 -20.60
C GLY A 172 -13.45 14.44 -19.11
N ASP A 173 -14.65 14.41 -18.55
CA ASP A 173 -14.84 14.34 -17.13
C ASP A 173 -14.86 12.84 -16.70
N VAL A 174 -14.48 12.57 -15.44
CA VAL A 174 -14.49 11.20 -14.91
C VAL A 174 -15.81 10.94 -14.21
N VAL A 175 -16.52 9.90 -14.60
CA VAL A 175 -17.72 9.61 -13.86
C VAL A 175 -17.52 8.29 -13.12
N LEU A 176 -17.74 8.32 -11.82
CA LEU A 176 -17.55 7.16 -10.97
C LEU A 176 -18.82 6.39 -10.68
N PHE A 177 -18.88 5.15 -11.17
CA PHE A 177 -20.01 4.23 -10.92
C PHE A 177 -19.68 3.15 -9.86
N HIS A 178 -20.70 2.66 -9.14
CA HIS A 178 -20.51 1.59 -8.16
C HIS A 178 -20.96 0.39 -8.99
N GLY A 179 -20.05 -0.59 -9.24
CA GLY A 179 -20.44 -1.76 -10.05
C GLY A 179 -21.71 -2.46 -9.57
N CYS A 180 -21.84 -2.65 -8.24
CA CYS A 180 -23.04 -3.25 -7.66
C CYS A 180 -23.00 -2.97 -6.18
N CYS A 181 -24.15 -3.08 -5.54
CA CYS A 181 -24.21 -2.85 -4.11
C CYS A 181 -23.74 -1.45 -3.85
N HIS A 182 -24.54 -0.47 -4.27
CA HIS A 182 -24.18 0.92 -4.06
C HIS A 182 -23.95 1.16 -2.56
N ASN A 183 -22.93 1.94 -2.24
CA ASN A 183 -22.62 2.23 -0.85
C ASN A 183 -22.83 3.68 -0.45
N PRO A 184 -23.79 3.97 0.46
CA PRO A 184 -24.69 3.05 1.19
C PRO A 184 -25.91 2.86 0.30
N THR A 185 -27.11 2.80 0.87
CA THR A 185 -28.35 2.69 0.06
C THR A 185 -28.55 1.32 -0.58
N GLY A 186 -27.50 0.79 -1.21
CA GLY A 186 -27.58 -0.51 -1.85
C GLY A 186 -28.47 -0.61 -3.05
N ILE A 187 -28.87 0.55 -3.58
CA ILE A 187 -29.73 0.61 -4.77
C ILE A 187 -28.84 0.58 -5.97
N ASP A 188 -29.22 -0.22 -6.94
CA ASP A 188 -28.44 -0.37 -8.11
C ASP A 188 -29.25 -0.16 -9.38
N PRO A 189 -28.57 0.13 -10.49
CA PRO A 189 -29.34 0.32 -11.71
C PRO A 189 -29.63 -1.01 -12.38
N THR A 190 -30.82 -1.16 -12.93
CA THR A 190 -31.23 -2.35 -13.69
C THR A 190 -30.25 -2.56 -14.83
N LEU A 191 -30.41 -3.58 -15.64
CA LEU A 191 -29.46 -3.69 -16.73
C LEU A 191 -29.83 -2.60 -17.72
N GLU A 192 -31.10 -2.55 -18.10
CA GLU A 192 -31.59 -1.54 -19.03
C GLU A 192 -30.96 -0.22 -18.65
N GLN A 193 -31.23 0.24 -17.44
CA GLN A 193 -30.63 1.50 -16.95
C GLN A 193 -29.13 1.60 -17.12
N TRP A 194 -28.44 0.48 -16.98
CA TRP A 194 -26.99 0.47 -17.14
C TRP A 194 -26.59 0.71 -18.58
N GLN A 195 -27.31 0.10 -19.52
CA GLN A 195 -26.96 0.31 -20.92
C GLN A 195 -27.30 1.70 -21.43
N THR A 196 -28.32 2.32 -20.87
CA THR A 196 -28.68 3.68 -21.19
C THR A 196 -27.49 4.58 -20.76
N LEU A 197 -26.95 4.35 -19.56
CA LEU A 197 -25.80 5.12 -19.05
C LEU A 197 -24.55 4.75 -19.86
N ALA A 198 -24.49 3.52 -20.35
CA ALA A 198 -23.34 3.08 -21.15
C ALA A 198 -23.24 3.96 -22.36
N GLN A 199 -24.39 4.13 -23.01
CA GLN A 199 -24.59 4.88 -24.25
C GLN A 199 -24.45 6.38 -24.02
N LEU A 200 -25.01 6.85 -22.91
CA LEU A 200 -24.91 8.24 -22.59
C LEU A 200 -23.44 8.57 -22.54
N SER A 201 -22.72 8.01 -21.57
CA SER A 201 -21.30 8.30 -21.42
C SER A 201 -20.51 8.09 -22.72
N VAL A 202 -21.09 7.36 -23.65
CA VAL A 202 -20.36 7.15 -24.88
C VAL A 202 -20.47 8.44 -25.68
N GLU A 203 -21.65 9.06 -25.66
CA GLU A 203 -21.92 10.34 -26.35
C GLU A 203 -21.20 11.49 -25.65
N LYS A 204 -21.68 11.83 -24.45
CA LYS A 204 -21.11 12.91 -23.71
C LYS A 204 -19.61 12.94 -23.46
N GLY A 205 -18.92 11.91 -23.94
CA GLY A 205 -17.48 11.85 -23.79
C GLY A 205 -16.90 11.64 -22.42
N TRP A 206 -17.59 10.92 -21.55
CA TRP A 206 -17.06 10.64 -20.22
C TRP A 206 -16.10 9.44 -20.21
N LEU A 207 -15.29 9.40 -19.17
CA LEU A 207 -14.34 8.30 -18.91
C LEU A 207 -14.92 7.74 -17.63
N PRO A 208 -15.58 6.58 -17.68
CA PRO A 208 -16.16 5.98 -16.49
C PRO A 208 -15.09 5.32 -15.61
N LEU A 209 -15.12 5.55 -14.28
CA LEU A 209 -14.24 4.87 -13.31
C LEU A 209 -15.21 4.01 -12.50
N PHE A 210 -15.01 2.69 -12.47
CA PHE A 210 -15.89 1.79 -11.71
C PHE A 210 -15.26 1.35 -10.40
N ASP A 211 -15.99 1.53 -9.29
CA ASP A 211 -15.52 1.07 -7.98
C ASP A 211 -16.30 -0.18 -7.78
N PHE A 212 -15.61 -1.28 -8.02
CA PHE A 212 -16.15 -2.63 -7.89
C PHE A 212 -15.63 -3.27 -6.61
N ALA A 213 -16.35 -3.15 -5.51
CA ALA A 213 -15.78 -3.84 -4.34
C ALA A 213 -16.62 -4.92 -3.68
N TYR A 214 -17.74 -5.26 -4.29
CA TYR A 214 -18.64 -6.23 -3.74
C TYR A 214 -19.04 -7.23 -4.82
N GLN A 215 -18.15 -7.62 -5.71
CA GLN A 215 -18.56 -8.55 -6.76
C GLN A 215 -18.99 -9.86 -6.09
N GLY A 216 -20.18 -10.33 -6.41
CA GLY A 216 -20.67 -11.55 -5.81
C GLY A 216 -21.65 -11.40 -4.68
N PHE A 217 -21.75 -10.23 -4.08
CA PHE A 217 -22.72 -10.04 -3.00
C PHE A 217 -24.14 -9.63 -3.33
N ALA A 218 -24.49 -9.43 -4.60
CA ALA A 218 -25.87 -9.02 -4.85
C ALA A 218 -26.62 -10.17 -5.50
N ARG A 219 -26.11 -10.60 -6.65
CA ARG A 219 -26.73 -11.71 -7.33
C ARG A 219 -25.73 -12.81 -7.64
N GLY A 220 -24.56 -12.44 -8.17
CA GLY A 220 -23.53 -13.42 -8.49
C GLY A 220 -22.31 -12.77 -9.11
N LEU A 221 -21.22 -13.50 -9.27
CA LEU A 221 -20.03 -12.90 -9.85
C LEU A 221 -20.20 -12.39 -11.27
N GLU A 222 -21.05 -13.04 -12.05
CA GLU A 222 -21.28 -12.62 -13.43
C GLU A 222 -22.42 -11.64 -13.52
N GLU A 223 -23.50 -11.94 -12.82
CA GLU A 223 -24.67 -11.08 -12.82
C GLU A 223 -24.34 -9.77 -12.14
N ASP A 224 -23.16 -9.69 -11.57
CA ASP A 224 -22.81 -8.50 -10.86
C ASP A 224 -21.85 -7.66 -11.64
N ALA A 225 -21.33 -8.22 -12.73
CA ALA A 225 -20.39 -7.49 -13.57
C ALA A 225 -21.09 -7.12 -14.86
N GLU A 226 -22.42 -7.15 -14.90
CA GLU A 226 -23.21 -6.86 -16.11
C GLU A 226 -23.14 -5.43 -16.60
N GLY A 227 -23.23 -4.51 -15.64
CA GLY A 227 -23.17 -3.10 -15.90
C GLY A 227 -21.81 -2.77 -16.40
N LEU A 228 -20.81 -3.19 -15.66
CA LEU A 228 -19.43 -2.95 -16.04
C LEU A 228 -19.23 -3.52 -17.42
N ARG A 229 -20.02 -4.53 -17.77
CA ARG A 229 -19.84 -5.15 -19.09
C ARG A 229 -20.57 -4.47 -20.24
N ALA A 230 -21.73 -3.89 -19.93
CA ALA A 230 -22.51 -3.17 -20.92
C ALA A 230 -21.66 -1.98 -21.32
N PHE A 231 -20.99 -1.40 -20.34
CA PHE A 231 -20.10 -0.28 -20.53
C PHE A 231 -18.93 -0.72 -21.35
N ALA A 232 -18.27 -1.77 -20.88
CA ALA A 232 -17.07 -2.33 -21.54
C ALA A 232 -17.25 -2.68 -23.00
N ALA A 233 -18.49 -3.03 -23.34
CA ALA A 233 -18.82 -3.33 -24.73
C ALA A 233 -18.70 -2.02 -25.54
N MET A 234 -19.28 -0.94 -25.01
CA MET A 234 -19.33 0.36 -25.65
C MET A 234 -18.10 1.18 -25.61
N HIS A 235 -17.48 1.30 -24.46
CA HIS A 235 -16.32 2.15 -24.42
C HIS A 235 -15.00 1.63 -24.93
N LYS A 236 -14.10 2.58 -25.16
CA LYS A 236 -12.73 2.38 -25.64
C LYS A 236 -11.75 2.51 -24.49
N GLU A 237 -12.09 3.32 -23.50
CA GLU A 237 -11.20 3.48 -22.33
C GLU A 237 -12.07 3.32 -21.07
N LEU A 238 -11.51 2.68 -20.05
CA LEU A 238 -12.25 2.41 -18.83
C LEU A 238 -11.23 2.24 -17.74
N ILE A 239 -11.70 2.42 -16.52
CA ILE A 239 -10.82 2.19 -15.40
C ILE A 239 -11.63 1.49 -14.34
N VAL A 240 -11.18 0.30 -13.93
CA VAL A 240 -11.86 -0.45 -12.87
C VAL A 240 -10.94 -0.60 -11.66
N ALA A 241 -11.51 -0.24 -10.53
CA ALA A 241 -10.81 -0.33 -9.28
C ALA A 241 -11.57 -1.44 -8.54
N SER A 242 -11.13 -2.68 -8.72
CA SER A 242 -11.82 -3.82 -8.10
C SER A 242 -11.22 -4.13 -6.77
N SER A 243 -11.94 -4.87 -5.94
CA SER A 243 -11.47 -5.26 -4.63
C SER A 243 -11.86 -6.71 -4.28
N TYR A 244 -10.98 -7.37 -3.52
CA TYR A 244 -11.16 -8.77 -3.06
C TYR A 244 -11.25 -8.98 -1.54
N SER A 245 -11.28 -7.89 -0.79
CA SER A 245 -11.41 -7.84 0.64
C SER A 245 -12.71 -8.38 1.23
N LYS A 246 -13.77 -8.41 0.44
CA LYS A 246 -15.03 -8.86 1.03
C LYS A 246 -15.41 -10.25 0.61
N ASN A 247 -15.48 -10.44 -0.71
CA ASN A 247 -15.84 -11.73 -1.29
C ASN A 247 -14.82 -12.86 -1.09
N PHE A 248 -13.65 -12.54 -0.54
CA PHE A 248 -12.61 -13.51 -0.22
C PHE A 248 -12.26 -13.30 1.22
N GLY A 249 -13.08 -12.52 1.93
CA GLY A 249 -12.85 -12.23 3.35
C GLY A 249 -11.41 -11.81 3.69
N LEU A 250 -10.72 -11.19 2.74
CA LEU A 250 -9.31 -10.80 2.91
C LEU A 250 -9.06 -9.35 3.35
N TYR A 251 -9.97 -8.78 4.12
CA TYR A 251 -9.83 -7.42 4.56
C TYR A 251 -8.44 -6.87 4.87
N ASN A 252 -7.79 -7.31 5.94
CA ASN A 252 -6.49 -6.74 6.33
C ASN A 252 -5.29 -7.18 5.59
N GLU A 253 -5.50 -7.82 4.46
CA GLU A 253 -4.35 -8.24 3.68
C GLU A 253 -4.20 -7.32 2.50
N ARG A 254 -5.30 -6.60 2.23
CA ARG A 254 -5.37 -5.57 1.18
C ARG A 254 -5.18 -6.07 -0.19
N VAL A 255 -6.27 -6.50 -0.85
CA VAL A 255 -6.18 -7.09 -2.17
C VAL A 255 -7.22 -6.46 -3.07
N GLY A 256 -6.76 -5.85 -4.15
CA GLY A 256 -7.69 -5.27 -5.09
C GLY A 256 -6.86 -5.08 -6.32
N ALA A 257 -7.46 -4.47 -7.32
CA ALA A 257 -6.80 -4.22 -8.57
C ALA A 257 -7.29 -2.95 -9.27
N CYS A 258 -6.41 -2.48 -10.14
CA CYS A 258 -6.68 -1.34 -10.94
C CYS A 258 -6.55 -1.81 -12.36
N THR A 259 -7.69 -1.95 -13.00
CA THR A 259 -7.71 -2.37 -14.40
C THR A 259 -7.82 -1.16 -15.31
N LEU A 260 -6.96 -1.12 -16.32
CA LEU A 260 -6.91 -0.01 -17.26
C LEU A 260 -7.19 -0.47 -18.67
N VAL A 261 -8.40 -0.19 -19.18
CA VAL A 261 -8.69 -0.56 -20.55
C VAL A 261 -8.65 0.67 -21.44
N ALA A 262 -8.00 0.51 -22.60
CA ALA A 262 -7.88 1.53 -23.62
C ALA A 262 -8.12 0.89 -24.96
N ALA A 263 -8.23 1.74 -25.96
CA ALA A 263 -8.54 1.36 -27.33
C ALA A 263 -7.77 0.24 -28.00
N ASP A 264 -6.50 0.10 -27.63
CA ASP A 264 -5.73 -0.97 -28.24
C ASP A 264 -4.54 -1.33 -27.35
N SER A 265 -3.79 -2.36 -27.70
CA SER A 265 -2.69 -2.76 -26.85
C SER A 265 -1.60 -1.72 -26.64
N GLU A 266 -1.10 -1.14 -27.74
CA GLU A 266 -0.03 -0.15 -27.67
C GLU A 266 -0.40 1.08 -26.81
N THR A 267 -1.67 1.48 -26.86
CA THR A 267 -2.12 2.61 -26.08
C THR A 267 -2.07 2.23 -24.62
N VAL A 268 -2.86 1.22 -24.25
CA VAL A 268 -2.91 0.73 -22.86
C VAL A 268 -1.51 0.50 -22.37
N ASP A 269 -0.66 -0.11 -23.19
CA ASP A 269 0.72 -0.38 -22.81
C ASP A 269 1.37 0.92 -22.39
N ARG A 270 1.29 1.92 -23.27
CA ARG A 270 1.85 3.22 -23.04
C ARG A 270 1.24 3.85 -21.85
N ALA A 271 -0.08 3.83 -21.78
CA ALA A 271 -0.76 4.43 -20.64
C ALA A 271 -0.34 3.74 -19.32
N PHE A 272 -0.50 2.43 -19.31
CA PHE A 272 -0.16 1.61 -18.18
C PHE A 272 1.26 1.86 -17.70
N SER A 273 2.20 2.06 -18.61
CA SER A 273 3.55 2.29 -18.17
C SER A 273 3.63 3.49 -17.27
N GLN A 274 2.68 4.41 -17.40
CA GLN A 274 2.71 5.62 -16.56
C GLN A 274 1.96 5.35 -15.25
N MET A 275 0.99 4.42 -15.30
CA MET A 275 0.26 4.00 -14.10
C MET A 275 1.26 3.27 -13.22
N LYS A 276 2.21 2.57 -13.84
CA LYS A 276 3.24 1.87 -13.09
C LYS A 276 4.09 2.91 -12.40
N ALA A 277 4.46 3.95 -13.11
CA ALA A 277 5.29 5.03 -12.53
C ALA A 277 4.64 5.65 -11.32
N ALA A 278 3.33 5.82 -11.39
CA ALA A 278 2.56 6.39 -10.31
C ALA A 278 2.54 5.48 -9.04
N ILE A 279 2.63 4.15 -9.23
CA ILE A 279 2.67 3.15 -8.12
C ILE A 279 4.08 3.09 -7.55
N ARG A 280 5.07 3.30 -8.42
CA ARG A 280 6.46 3.22 -8.02
C ARG A 280 6.81 4.22 -7.00
N ALA A 281 5.94 5.19 -6.84
CA ALA A 281 6.31 6.30 -5.97
C ALA A 281 5.39 6.41 -4.85
N ASN A 282 4.46 5.46 -4.79
CA ASN A 282 3.52 5.43 -3.72
C ASN A 282 4.07 4.38 -2.78
N TYR A 283 3.89 3.10 -3.13
CA TYR A 283 4.34 1.96 -2.31
C TYR A 283 5.36 1.07 -2.94
N SER A 284 5.76 1.39 -4.17
CA SER A 284 6.78 0.68 -4.92
C SER A 284 6.32 -0.61 -5.63
N ASN A 285 5.74 -1.55 -4.86
CA ASN A 285 5.18 -2.83 -5.40
C ASN A 285 4.06 -3.34 -4.50
N PRO A 286 3.25 -4.27 -4.97
CA PRO A 286 2.17 -4.68 -4.05
C PRO A 286 2.52 -5.86 -3.11
N PRO A 287 1.81 -5.96 -1.94
CA PRO A 287 2.00 -7.03 -0.93
C PRO A 287 1.47 -8.32 -1.48
N ALA A 288 2.37 -9.31 -1.53
CA ALA A 288 2.16 -10.65 -2.11
C ALA A 288 1.11 -11.63 -1.56
N HIS A 289 1.08 -11.85 -0.24
CA HIS A 289 0.15 -12.79 0.38
C HIS A 289 -1.24 -13.00 -0.17
N GLY A 290 -2.12 -12.09 0.23
CA GLY A 290 -3.52 -12.13 -0.22
C GLY A 290 -3.78 -12.26 -1.72
N ALA A 291 -2.85 -11.76 -2.52
CA ALA A 291 -2.94 -11.81 -3.97
C ALA A 291 -2.56 -13.21 -4.34
N SER A 292 -1.51 -13.72 -3.68
CA SER A 292 -1.02 -15.11 -3.87
C SER A 292 -2.18 -16.04 -3.55
N VAL A 293 -2.84 -15.77 -2.46
CA VAL A 293 -3.97 -16.59 -2.13
C VAL A 293 -5.01 -16.63 -3.20
N VAL A 294 -5.52 -15.45 -3.55
CA VAL A 294 -6.57 -15.26 -4.55
C VAL A 294 -6.20 -15.88 -5.85
N ALA A 295 -4.95 -15.71 -6.25
CA ALA A 295 -4.48 -16.36 -7.48
C ALA A 295 -4.68 -17.91 -7.30
N THR A 296 -4.09 -18.46 -6.23
CA THR A 296 -4.13 -19.90 -5.82
C THR A 296 -5.55 -20.50 -5.85
N ILE A 297 -6.45 -19.92 -5.09
CA ILE A 297 -7.81 -20.34 -5.05
C ILE A 297 -8.47 -20.20 -6.42
N LEU A 298 -8.21 -19.11 -7.10
CA LEU A 298 -8.88 -18.91 -8.38
C LEU A 298 -8.37 -19.79 -9.51
N SER A 299 -7.14 -20.25 -9.39
CA SER A 299 -6.58 -21.10 -10.42
C SER A 299 -6.54 -22.59 -10.06
N ASN A 300 -7.32 -22.94 -9.04
CA ASN A 300 -7.43 -24.32 -8.58
C ASN A 300 -8.93 -24.56 -8.50
N ASP A 301 -9.40 -25.42 -9.39
CA ASP A 301 -10.83 -25.71 -9.53
C ASP A 301 -11.56 -26.22 -8.29
N ALA A 302 -10.81 -26.92 -7.43
CA ALA A 302 -11.34 -27.45 -6.19
C ALA A 302 -11.56 -26.31 -5.24
N LEU A 303 -10.45 -25.63 -4.95
CA LEU A 303 -10.45 -24.47 -4.08
C LEU A 303 -11.44 -23.49 -4.58
N ARG A 304 -11.48 -23.26 -5.89
CA ARG A 304 -12.44 -22.30 -6.48
C ARG A 304 -13.79 -22.68 -5.97
N ALA A 305 -14.21 -23.90 -6.29
CA ALA A 305 -15.50 -24.53 -5.87
C ALA A 305 -15.81 -24.37 -4.39
N ILE A 306 -14.79 -24.49 -3.55
CA ILE A 306 -15.00 -24.30 -2.12
C ILE A 306 -15.35 -22.85 -1.94
N TRP A 307 -14.46 -21.97 -2.43
CA TRP A 307 -14.62 -20.53 -2.37
C TRP A 307 -15.99 -20.05 -2.82
N GLU A 308 -16.43 -20.47 -4.00
CA GLU A 308 -17.73 -19.99 -4.49
C GLU A 308 -18.85 -20.37 -3.59
N GLN A 309 -18.70 -21.50 -2.90
CA GLN A 309 -19.74 -21.91 -1.99
C GLN A 309 -19.67 -21.04 -0.75
N GLU A 310 -18.47 -20.77 -0.26
CA GLU A 310 -18.36 -19.92 0.94
C GLU A 310 -18.91 -18.51 0.74
N LEU A 311 -18.79 -18.01 -0.50
CA LEU A 311 -19.27 -16.70 -0.92
C LEU A 311 -20.81 -16.76 -1.00
N THR A 312 -21.31 -17.77 -1.73
CA THR A 312 -22.77 -18.00 -1.84
C THR A 312 -23.43 -18.07 -0.44
N ASP A 313 -22.68 -18.56 0.56
CA ASP A 313 -23.22 -18.64 1.92
C ASP A 313 -23.34 -17.24 2.51
N MET A 314 -22.24 -16.48 2.42
CA MET A 314 -22.20 -15.12 2.95
C MET A 314 -23.35 -14.37 2.35
N ARG A 315 -23.34 -14.37 1.03
CA ARG A 315 -24.37 -13.65 0.30
C ARG A 315 -25.74 -13.99 0.72
N GLN A 316 -25.99 -15.26 1.04
CA GLN A 316 -27.36 -15.60 1.38
C GLN A 316 -27.76 -15.36 2.80
N ARG A 317 -26.75 -15.26 3.64
CA ARG A 317 -26.99 -15.08 5.05
C ARG A 317 -27.46 -13.68 5.31
N ILE A 318 -26.99 -12.78 4.46
CA ILE A 318 -27.30 -11.36 4.58
C ILE A 318 -28.71 -11.22 4.08
N GLN A 319 -28.98 -11.86 2.95
CA GLN A 319 -30.31 -11.83 2.33
C GLN A 319 -31.34 -12.27 3.35
N ARG A 320 -30.93 -13.20 4.20
CA ARG A 320 -31.76 -13.76 5.26
C ARG A 320 -31.87 -12.76 6.41
N MET A 321 -30.78 -12.04 6.66
CA MET A 321 -30.72 -11.03 7.70
C MET A 321 -31.57 -9.79 7.33
N ARG A 322 -31.74 -9.52 6.03
CA ARG A 322 -32.60 -8.43 5.60
C ARG A 322 -34.04 -8.63 6.02
N GLN A 323 -34.70 -9.67 5.49
CA GLN A 323 -36.11 -9.89 5.84
C GLN A 323 -36.35 -10.09 7.30
N LEU A 324 -35.46 -10.79 7.97
CA LEU A 324 -35.62 -11.00 9.40
C LEU A 324 -35.64 -9.62 10.07
N PHE A 325 -34.81 -8.68 9.56
CA PHE A 325 -34.73 -7.29 10.08
C PHE A 325 -36.05 -6.57 9.88
N VAL A 326 -36.60 -6.72 8.68
CA VAL A 326 -37.90 -6.12 8.42
C VAL A 326 -38.87 -6.71 9.43
N ASN A 327 -39.29 -7.94 9.16
CA ASN A 327 -40.27 -8.66 9.99
C ASN A 327 -40.24 -8.38 11.48
N THR A 328 -39.09 -8.57 12.10
CA THR A 328 -38.99 -8.31 13.52
C THR A 328 -39.42 -6.88 13.79
N LEU A 329 -38.79 -5.95 13.07
CA LEU A 329 -39.04 -4.50 13.15
C LEU A 329 -40.53 -4.33 13.04
N GLN A 330 -41.00 -4.93 11.96
CA GLN A 330 -42.36 -4.99 11.48
C GLN A 330 -43.37 -5.43 12.53
N GLU A 331 -42.93 -6.13 13.57
CA GLU A 331 -43.86 -6.40 14.62
C GLU A 331 -43.20 -6.57 15.97
N LYS A 332 -42.19 -5.75 16.16
CA LYS A 332 -41.50 -5.71 17.42
C LYS A 332 -41.92 -4.33 17.96
N GLY A 333 -42.85 -3.67 17.26
CA GLY A 333 -43.37 -2.38 17.69
C GLY A 333 -43.29 -1.22 16.71
N ALA A 334 -42.82 -1.48 15.50
CA ALA A 334 -42.66 -0.41 14.52
C ALA A 334 -43.91 0.00 13.79
N ASN A 335 -43.80 1.22 13.23
CA ASN A 335 -44.85 1.91 12.50
C ASN A 335 -44.32 2.25 11.13
N ARG A 336 -43.07 2.74 11.08
CA ARG A 336 -42.43 3.08 9.81
C ARG A 336 -42.28 1.75 9.05
N ASP A 337 -42.65 1.75 7.78
CA ASP A 337 -42.51 0.55 6.99
C ASP A 337 -41.13 0.54 6.36
N PHE A 338 -40.37 -0.51 6.66
CA PHE A 338 -39.01 -0.71 6.15
C PHE A 338 -38.86 -1.87 5.12
N SER A 339 -39.95 -2.20 4.48
CA SER A 339 -39.93 -3.27 3.52
C SER A 339 -38.95 -3.00 2.38
N PHE A 340 -38.56 -1.75 2.19
CA PHE A 340 -37.62 -1.42 1.12
C PHE A 340 -36.24 -1.95 1.44
N ILE A 341 -35.99 -2.32 2.71
CA ILE A 341 -34.68 -2.86 3.08
C ILE A 341 -34.36 -4.10 2.26
N ILE A 342 -35.41 -4.70 1.72
CA ILE A 342 -35.32 -5.92 0.95
C ILE A 342 -34.96 -5.71 -0.52
N LYS A 343 -35.18 -4.48 -1.00
CA LYS A 343 -34.87 -4.11 -2.39
C LYS A 343 -33.36 -3.97 -2.62
N GLN A 344 -32.70 -3.57 -1.55
CA GLN A 344 -31.28 -3.31 -1.48
C GLN A 344 -30.37 -4.51 -1.65
N ASN A 345 -29.10 -4.24 -1.95
CA ASN A 345 -28.09 -5.26 -2.23
C ASN A 345 -26.80 -5.01 -1.52
N GLY A 346 -26.19 -6.08 -1.00
CA GLY A 346 -24.89 -5.95 -0.35
C GLY A 346 -25.01 -5.92 1.13
N MET A 347 -23.91 -5.61 1.79
CA MET A 347 -23.89 -5.50 3.24
C MET A 347 -24.71 -4.43 3.90
N PHE A 348 -24.96 -3.30 3.26
CA PHE A 348 -25.71 -2.27 3.99
C PHE A 348 -27.03 -1.79 3.51
N SER A 349 -27.74 -1.25 4.46
CA SER A 349 -29.04 -0.71 4.18
C SER A 349 -29.05 0.75 4.60
N PHE A 350 -29.70 1.54 3.77
CA PHE A 350 -29.86 2.93 4.03
C PHE A 350 -31.14 3.00 4.83
N SER A 351 -31.00 3.03 6.17
CA SER A 351 -32.18 3.05 7.05
C SER A 351 -33.09 4.25 7.05
N GLY A 352 -32.62 5.42 6.61
CA GLY A 352 -33.51 6.58 6.60
C GLY A 352 -33.91 6.91 8.02
N LEU A 353 -32.88 7.00 8.81
CA LEU A 353 -33.03 7.24 10.19
C LEU A 353 -32.26 8.51 10.39
N THR A 354 -32.94 9.36 11.12
CA THR A 354 -32.52 10.66 11.56
C THR A 354 -31.14 10.52 12.19
N LYS A 355 -30.22 11.39 11.80
CA LYS A 355 -28.91 11.33 12.38
C LYS A 355 -28.91 11.64 13.88
N GLU A 356 -30.06 12.05 14.41
CA GLU A 356 -30.22 12.31 15.85
C GLU A 356 -30.73 11.00 16.43
N GLN A 357 -31.48 10.26 15.61
CA GLN A 357 -31.93 8.93 16.02
C GLN A 357 -30.62 8.09 16.12
N VAL A 358 -29.76 8.08 15.09
CA VAL A 358 -28.53 7.27 15.18
C VAL A 358 -27.60 7.70 16.31
N LEU A 359 -27.91 8.81 16.97
CA LEU A 359 -27.08 9.24 18.08
C LEU A 359 -27.66 8.62 19.33
N ARG A 360 -29.01 8.63 19.44
CA ARG A 360 -29.70 8.11 20.62
C ARG A 360 -29.37 6.65 20.72
N LEU A 361 -29.40 5.95 19.60
CA LEU A 361 -29.10 4.54 19.60
C LEU A 361 -27.74 4.26 20.18
N ARG A 362 -26.73 4.90 19.63
CA ARG A 362 -25.41 4.65 20.15
C ARG A 362 -25.20 5.12 21.56
N GLU A 363 -25.84 6.21 21.94
CA GLU A 363 -25.57 6.71 23.25
C GLU A 363 -26.48 6.15 24.33
N GLU A 364 -27.63 5.67 23.93
CA GLU A 364 -28.59 5.18 24.91
C GLU A 364 -28.75 3.67 24.90
N PHE A 365 -28.39 3.07 23.76
CA PHE A 365 -28.51 1.64 23.61
C PHE A 365 -27.27 1.00 22.97
N GLY A 366 -26.10 1.62 23.05
CA GLY A 366 -24.97 1.01 22.38
C GLY A 366 -25.11 0.41 20.96
N VAL A 367 -26.18 0.72 20.21
CA VAL A 367 -26.33 0.23 18.81
C VAL A 367 -25.54 1.20 17.90
N TYR A 368 -24.65 0.69 17.07
CA TYR A 368 -23.82 1.54 16.23
C TYR A 368 -24.05 1.45 14.74
N ALA A 369 -24.59 2.52 14.17
CA ALA A 369 -24.77 2.61 12.73
C ALA A 369 -23.97 3.87 12.38
N VAL A 370 -23.74 4.11 11.08
CA VAL A 370 -23.02 5.33 10.61
C VAL A 370 -24.01 6.53 10.67
N ALA A 371 -23.52 7.77 10.84
CA ALA A 371 -24.44 8.94 10.91
C ALA A 371 -25.45 9.11 9.74
N SER A 372 -25.15 8.56 8.56
CA SER A 372 -26.13 8.57 7.47
C SER A 372 -27.32 7.69 7.82
N GLY A 373 -27.08 6.76 8.76
CA GLY A 373 -28.08 5.79 9.22
C GLY A 373 -27.94 4.50 8.40
N ARG A 374 -26.73 4.29 7.85
CA ARG A 374 -26.31 3.15 7.08
C ARG A 374 -26.14 2.11 8.18
N VAL A 375 -26.74 0.94 8.00
CA VAL A 375 -26.57 -0.10 9.01
C VAL A 375 -25.99 -1.28 8.28
N ASN A 376 -25.15 -2.04 8.98
CA ASN A 376 -24.55 -3.23 8.38
C ASN A 376 -25.43 -4.44 8.63
N VAL A 377 -26.10 -4.93 7.60
CA VAL A 377 -27.03 -6.04 7.75
C VAL A 377 -26.27 -7.30 8.04
N ALA A 378 -25.12 -7.44 7.42
CA ALA A 378 -24.26 -8.60 7.60
C ALA A 378 -23.58 -8.60 8.96
N GLY A 379 -24.13 -7.88 9.92
CA GLY A 379 -23.57 -7.82 11.25
C GLY A 379 -24.79 -7.99 12.14
N MET A 380 -25.93 -8.21 11.51
CA MET A 380 -27.12 -8.52 12.26
C MET A 380 -27.15 -10.08 12.34
N THR A 381 -27.41 -10.65 13.51
CA THR A 381 -27.49 -12.11 13.66
C THR A 381 -28.81 -12.38 14.40
N PRO A 382 -29.32 -13.62 14.31
CA PRO A 382 -30.59 -13.97 14.97
C PRO A 382 -30.61 -13.72 16.46
N ASP A 383 -29.40 -13.61 17.02
CA ASP A 383 -29.25 -13.35 18.43
C ASP A 383 -29.38 -11.92 18.87
N ASN A 384 -28.92 -10.97 18.02
CA ASN A 384 -29.04 -9.54 18.33
C ASN A 384 -30.19 -8.91 17.56
N MET A 385 -30.80 -9.66 16.64
CA MET A 385 -31.92 -9.18 15.84
C MET A 385 -33.10 -8.69 16.63
N ALA A 386 -33.13 -8.96 17.93
CA ALA A 386 -34.27 -8.53 18.72
C ALA A 386 -34.04 -7.32 19.61
N PRO A 387 -32.87 -7.26 20.23
CA PRO A 387 -32.61 -6.10 21.08
C PRO A 387 -32.37 -4.87 20.21
N LEU A 388 -31.78 -5.10 19.03
CA LEU A 388 -31.47 -4.08 18.03
C LEU A 388 -32.79 -3.48 17.61
N CYS A 389 -33.66 -4.33 17.05
CA CYS A 389 -34.97 -3.94 16.59
C CYS A 389 -35.88 -3.34 17.62
N GLU A 390 -35.41 -3.37 18.86
CA GLU A 390 -36.10 -2.84 20.03
C GLU A 390 -35.51 -1.43 20.23
N ALA A 391 -34.21 -1.31 19.95
CA ALA A 391 -33.55 -0.04 20.06
C ALA A 391 -34.19 0.84 18.97
N ILE A 392 -33.95 0.51 17.68
CA ILE A 392 -34.54 1.27 16.55
C ILE A 392 -35.92 1.80 16.97
N VAL A 393 -36.82 0.88 17.30
CA VAL A 393 -38.21 1.24 17.66
C VAL A 393 -38.41 2.18 18.84
N ALA A 394 -37.41 2.29 19.69
CA ALA A 394 -37.48 3.17 20.84
C ALA A 394 -37.14 4.62 20.45
N VAL A 395 -36.44 4.76 19.34
CA VAL A 395 -35.99 6.07 18.89
C VAL A 395 -36.59 6.54 17.56
N LEU A 396 -37.79 6.08 17.24
CA LEU A 396 -38.40 6.52 16.02
C LEU A 396 -39.86 6.86 16.23
N MET B 1 -8.63 9.50 -24.49
CA MET B 1 -8.01 10.43 -23.51
C MET B 1 -6.68 9.87 -23.13
N PHE B 2 -6.34 8.69 -23.67
CA PHE B 2 -5.05 8.12 -23.33
C PHE B 2 -4.09 8.15 -24.53
N GLU B 3 -4.65 8.39 -25.72
CA GLU B 3 -3.95 8.49 -27.03
C GLU B 3 -2.72 9.32 -27.03
N ASN B 4 -2.75 10.24 -26.10
CA ASN B 4 -1.77 11.27 -25.85
C ASN B 4 -0.69 10.93 -24.88
N ILE B 5 -0.89 9.84 -24.16
CA ILE B 5 0.02 9.49 -23.10
C ILE B 5 1.38 8.99 -23.48
N THR B 6 2.36 9.62 -22.85
CA THR B 6 3.75 9.26 -23.09
C THR B 6 4.13 8.02 -22.35
N ALA B 7 4.92 7.25 -23.04
CA ALA B 7 5.52 6.05 -22.52
C ALA B 7 6.55 6.50 -21.49
N ALA B 8 6.26 6.33 -20.19
CA ALA B 8 7.24 6.68 -19.14
C ALA B 8 8.54 5.91 -19.31
N PRO B 9 9.65 6.55 -18.97
CA PRO B 9 10.92 5.85 -19.12
C PRO B 9 11.09 4.74 -18.08
N ALA B 10 11.95 3.80 -18.43
CA ALA B 10 12.23 2.65 -17.57
C ALA B 10 12.79 3.02 -16.20
N ASP B 11 12.31 2.34 -15.16
CA ASP B 11 12.85 2.60 -13.85
C ASP B 11 14.32 2.18 -13.91
N PRO B 12 15.23 3.07 -13.52
CA PRO B 12 16.67 2.79 -13.54
C PRO B 12 17.11 1.53 -12.78
N ILE B 13 16.34 1.17 -11.74
CA ILE B 13 16.62 -0.03 -10.91
C ILE B 13 15.73 -1.23 -11.28
N LEU B 14 14.42 -0.99 -11.30
CA LEU B 14 13.44 -2.01 -11.65
C LEU B 14 13.33 -2.33 -13.13
N GLY B 15 14.13 -1.66 -13.95
CA GLY B 15 14.09 -1.90 -15.38
C GLY B 15 14.97 -3.07 -15.66
N LEU B 16 16.12 -3.07 -14.99
CA LEU B 16 17.06 -4.15 -15.09
C LEU B 16 16.34 -5.47 -14.93
N ALA B 17 15.52 -5.53 -13.88
CA ALA B 17 14.68 -6.70 -13.61
C ALA B 17 14.28 -7.35 -14.92
N ASP B 18 13.45 -6.65 -15.66
CA ASP B 18 12.96 -7.14 -16.93
C ASP B 18 14.09 -7.35 -17.90
N LEU B 19 15.02 -6.42 -17.92
CA LEU B 19 16.14 -6.52 -18.84
C LEU B 19 16.94 -7.82 -18.68
N PHE B 20 16.93 -8.33 -17.45
CA PHE B 20 17.62 -9.56 -17.08
C PHE B 20 16.78 -10.76 -17.38
N ARG B 21 15.51 -10.64 -17.04
CA ARG B 21 14.53 -11.69 -17.26
C ARG B 21 14.14 -11.62 -18.73
N ALA B 22 15.17 -11.78 -19.57
CA ALA B 22 15.03 -11.75 -21.01
C ALA B 22 16.39 -12.02 -21.65
N ASP B 23 17.48 -11.72 -20.94
CA ASP B 23 18.78 -11.99 -21.52
C ASP B 23 18.72 -13.51 -21.42
N GLU B 24 18.72 -14.13 -22.59
CA GLU B 24 18.62 -15.58 -22.73
C GLU B 24 19.99 -16.30 -22.60
N ARG B 25 21.04 -15.50 -22.45
CA ARG B 25 22.36 -16.04 -22.34
C ARG B 25 22.48 -16.87 -21.06
N PRO B 26 23.37 -17.88 -21.12
CA PRO B 26 23.67 -18.84 -20.06
C PRO B 26 24.07 -18.23 -18.72
N GLY B 27 25.35 -17.87 -18.60
CA GLY B 27 25.88 -17.35 -17.36
C GLY B 27 25.58 -15.91 -17.08
N LYS B 28 24.33 -15.51 -17.24
CA LYS B 28 23.98 -14.15 -16.99
C LYS B 28 23.96 -13.85 -15.48
N ILE B 29 24.68 -12.81 -15.06
CA ILE B 29 24.77 -12.43 -13.64
C ILE B 29 23.97 -11.15 -13.35
N ASN B 30 23.20 -11.12 -12.28
CA ASN B 30 22.40 -9.94 -11.95
C ASN B 30 22.89 -9.22 -10.74
N LEU B 31 23.66 -8.14 -10.91
CA LEU B 31 24.16 -7.37 -9.78
C LEU B 31 23.32 -6.13 -9.57
N GLY B 32 22.14 -6.10 -10.16
CA GLY B 32 21.34 -4.92 -10.02
C GLY B 32 20.77 -4.61 -8.67
N ILE B 33 19.44 -4.78 -8.59
CA ILE B 33 18.59 -4.58 -7.42
C ILE B 33 19.21 -5.08 -6.10
N GLY B 34 18.77 -4.51 -4.99
CA GLY B 34 19.31 -4.83 -3.69
C GLY B 34 18.49 -5.79 -2.84
N VAL B 35 18.57 -7.05 -3.23
CA VAL B 35 17.89 -8.13 -2.59
C VAL B 35 18.99 -9.16 -2.30
N TYR B 36 19.01 -9.69 -1.08
CA TYR B 36 20.01 -10.71 -0.65
C TYR B 36 20.05 -12.01 -1.42
N LYS B 37 21.16 -12.69 -1.25
CA LYS B 37 21.36 -13.94 -1.90
C LYS B 37 22.31 -14.78 -1.05
N ASP B 38 22.05 -16.08 -0.95
CA ASP B 38 22.93 -16.96 -0.18
C ASP B 38 23.90 -17.60 -1.15
N GLU B 39 24.88 -18.34 -0.65
CA GLU B 39 25.92 -18.96 -1.49
C GLU B 39 25.47 -19.61 -2.75
N THR B 40 24.19 -19.95 -2.77
CA THR B 40 23.59 -20.59 -3.92
C THR B 40 22.92 -19.58 -4.84
N GLY B 41 22.78 -18.36 -4.36
CA GLY B 41 22.15 -17.33 -5.15
C GLY B 41 20.62 -17.40 -5.11
N LYS B 42 20.09 -17.54 -3.91
CA LYS B 42 18.66 -17.60 -3.81
C LYS B 42 18.34 -16.61 -2.74
N THR B 43 17.12 -16.11 -2.79
CA THR B 43 16.69 -15.11 -1.81
C THR B 43 15.65 -15.95 -1.09
N PRO B 44 16.06 -16.66 -0.05
CA PRO B 44 15.15 -17.53 0.69
C PRO B 44 14.30 -16.85 1.76
N VAL B 45 13.25 -17.57 2.15
CA VAL B 45 12.38 -17.11 3.19
C VAL B 45 13.14 -17.41 4.50
N LEU B 46 13.31 -16.44 5.36
CA LEU B 46 14.00 -16.66 6.61
C LEU B 46 13.32 -17.79 7.41
N THR B 47 14.12 -18.47 8.22
CA THR B 47 13.59 -19.58 9.00
C THR B 47 12.64 -19.14 10.08
N SER B 48 12.98 -18.05 10.76
CA SER B 48 12.12 -17.47 11.79
C SER B 48 10.79 -17.03 11.18
N VAL B 49 10.84 -16.68 9.92
CA VAL B 49 9.66 -16.20 9.24
C VAL B 49 8.71 -17.35 9.05
N LYS B 50 9.24 -18.40 8.38
CA LYS B 50 8.54 -19.65 8.11
C LYS B 50 7.81 -20.12 9.35
N LYS B 51 8.50 -20.05 10.48
CA LYS B 51 7.96 -20.42 11.80
C LYS B 51 6.87 -19.47 12.29
N ALA B 52 7.03 -18.18 11.99
CA ALA B 52 6.06 -17.20 12.42
C ALA B 52 4.83 -17.38 11.54
N GLU B 53 5.10 -17.75 10.31
CA GLU B 53 4.01 -18.00 9.38
C GLU B 53 3.27 -19.27 9.81
N GLN B 54 3.96 -20.27 10.39
CA GLN B 54 3.25 -21.49 10.79
C GLN B 54 2.31 -21.17 11.90
N TYR B 55 2.84 -20.46 12.87
CA TYR B 55 2.07 -20.01 14.02
C TYR B 55 0.81 -19.32 13.55
N LEU B 56 0.97 -18.18 12.87
CA LEU B 56 -0.16 -17.39 12.36
C LEU B 56 -1.21 -18.24 11.72
N LEU B 57 -0.73 -19.11 10.86
CA LEU B 57 -1.58 -20.01 10.09
C LEU B 57 -2.59 -20.70 10.91
N GLU B 58 -2.14 -21.26 12.02
CA GLU B 58 -3.04 -21.97 12.89
C GLU B 58 -3.69 -21.09 13.91
N ASN B 59 -3.04 -20.01 14.33
CA ASN B 59 -3.61 -19.11 15.33
C ASN B 59 -4.46 -17.96 14.84
N GLU B 60 -4.68 -17.86 13.54
CA GLU B 60 -5.48 -16.76 13.04
C GLU B 60 -6.88 -17.14 12.85
N THR B 61 -7.74 -16.43 13.56
CA THR B 61 -9.18 -16.63 13.48
C THR B 61 -9.88 -15.56 12.62
N THR B 62 -9.14 -14.55 12.15
CA THR B 62 -9.75 -13.50 11.35
C THR B 62 -8.87 -12.70 10.44
N LYS B 63 -9.53 -12.13 9.44
CA LYS B 63 -8.82 -11.31 8.51
C LYS B 63 -9.28 -9.84 8.49
N ASN B 64 -10.23 -9.53 9.37
CA ASN B 64 -10.83 -8.20 9.60
C ASN B 64 -9.82 -7.06 9.84
N TYR B 65 -10.02 -6.01 9.04
CA TYR B 65 -9.24 -4.78 8.97
C TYR B 65 -8.36 -4.37 10.08
N LEU B 66 -7.13 -4.09 9.73
CA LEU B 66 -6.25 -3.56 10.74
C LEU B 66 -6.74 -2.11 11.04
N GLY B 67 -5.99 -1.36 11.85
CA GLY B 67 -6.37 0.00 12.11
C GLY B 67 -5.68 0.82 11.04
N ILE B 68 -5.82 2.13 11.08
CA ILE B 68 -5.19 2.94 10.04
C ILE B 68 -3.68 2.85 10.16
N ASP B 69 -3.21 2.86 11.39
CA ASP B 69 -1.79 2.76 11.64
C ASP B 69 -1.24 1.31 11.83
N GLY B 70 -2.09 0.31 11.61
CA GLY B 70 -1.67 -1.08 11.73
C GLY B 70 -1.68 -1.75 13.09
N ILE B 71 -0.73 -2.67 13.32
CA ILE B 71 -0.62 -3.47 14.57
C ILE B 71 0.19 -2.77 15.64
N PRO B 72 -0.50 -2.46 16.74
CA PRO B 72 0.08 -1.79 17.89
C PRO B 72 1.44 -2.23 18.31
N GLU B 73 1.62 -3.52 18.54
CA GLU B 73 2.90 -3.98 19.03
C GLU B 73 3.89 -3.95 17.92
N PHE B 74 3.40 -3.90 16.70
CA PHE B 74 4.33 -3.75 15.61
C PHE B 74 4.97 -2.35 15.80
N GLY B 75 4.14 -1.32 16.01
CA GLY B 75 4.69 0.02 16.23
C GLY B 75 5.68 0.12 17.42
N ARG B 76 5.26 -0.39 18.56
CA ARG B 76 6.01 -0.40 19.82
C ARG B 76 7.32 -1.15 19.70
N CYS B 77 7.27 -2.28 19.01
CA CYS B 77 8.47 -3.11 18.77
C CYS B 77 9.40 -2.35 17.82
N THR B 78 8.80 -1.70 16.82
CA THR B 78 9.52 -0.85 15.87
C THR B 78 10.24 0.33 16.60
N GLN B 79 9.52 1.02 17.48
CA GLN B 79 10.11 2.13 18.22
C GLN B 79 11.35 1.78 19.00
N GLU B 80 11.28 0.64 19.67
CA GLU B 80 12.40 0.16 20.45
C GLU B 80 13.48 -0.33 19.53
N LEU B 81 13.13 -0.71 18.31
CA LEU B 81 14.19 -1.15 17.40
C LEU B 81 14.94 0.13 17.00
N LEU B 82 14.17 1.22 16.84
CA LEU B 82 14.70 2.54 16.43
C LEU B 82 15.47 3.35 17.48
N PHE B 83 14.78 3.62 18.58
CA PHE B 83 15.24 4.43 19.71
C PHE B 83 15.88 3.71 20.88
N GLY B 84 15.31 2.58 21.35
CA GLY B 84 16.00 1.83 22.40
C GLY B 84 15.58 1.43 23.81
N LYS B 85 14.43 0.78 23.95
CA LYS B 85 14.01 0.28 25.27
C LYS B 85 13.70 1.32 26.37
N GLY B 86 14.76 1.89 26.96
CA GLY B 86 14.59 2.89 28.03
C GLY B 86 13.94 4.10 27.40
N SER B 87 14.70 4.70 26.48
CA SER B 87 14.33 5.82 25.63
C SER B 87 13.20 6.75 26.01
N ALA B 88 13.56 8.03 26.17
CA ALA B 88 12.60 9.09 26.50
C ALA B 88 11.55 9.39 25.40
N LEU B 89 11.89 9.20 24.14
CA LEU B 89 10.87 9.45 23.13
C LEU B 89 9.75 8.49 23.48
N ILE B 90 10.12 7.27 23.88
CA ILE B 90 9.16 6.24 24.24
C ILE B 90 8.58 6.52 25.62
N ASN B 91 9.44 6.65 26.61
CA ASN B 91 8.98 6.93 27.97
C ASN B 91 8.18 8.25 28.10
N ASP B 92 8.32 9.21 27.18
CA ASP B 92 7.52 10.47 27.24
C ASP B 92 6.33 10.40 26.29
N LYS B 93 6.26 9.33 25.51
CA LYS B 93 5.20 9.10 24.53
C LYS B 93 5.17 10.15 23.42
N ARG B 94 6.36 10.52 22.93
CA ARG B 94 6.50 11.52 21.88
C ARG B 94 6.41 10.95 20.49
N ALA B 95 6.62 9.66 20.37
CA ALA B 95 6.59 9.05 19.05
C ALA B 95 5.27 8.34 18.73
N ARG B 96 4.89 8.28 17.45
CA ARG B 96 3.67 7.61 17.04
C ARG B 96 3.91 6.91 15.71
N THR B 97 3.77 5.57 15.71
CA THR B 97 4.02 4.76 14.51
C THR B 97 2.85 4.20 13.73
N ALA B 98 2.92 4.34 12.41
CA ALA B 98 1.88 3.85 11.53
C ALA B 98 2.63 2.80 10.78
N GLN B 99 1.98 1.69 10.51
CA GLN B 99 2.60 0.58 9.84
C GLN B 99 2.28 0.89 8.38
N THR B 100 3.21 0.68 7.44
CA THR B 100 2.96 1.03 6.05
C THR B 100 3.47 0.06 5.02
N PRO B 101 2.92 0.09 3.78
CA PRO B 101 3.36 -0.78 2.68
C PRO B 101 4.75 -0.54 2.17
N GLY B 102 5.75 -0.79 2.98
CA GLY B 102 7.11 -0.67 2.51
C GLY B 102 7.71 0.50 3.18
N GLY B 103 9.03 0.60 3.18
CA GLY B 103 9.65 1.79 3.73
C GLY B 103 9.42 2.87 2.66
N THR B 104 9.24 2.46 1.38
CA THR B 104 8.92 3.33 0.27
C THR B 104 7.52 3.93 0.50
N GLY B 105 6.66 3.22 1.18
CA GLY B 105 5.32 3.76 1.43
C GLY B 105 5.34 4.57 2.73
N ALA B 106 6.42 4.49 3.52
CA ALA B 106 6.51 5.24 4.75
C ALA B 106 6.93 6.65 4.34
N LEU B 107 7.82 6.75 3.35
CA LEU B 107 8.34 7.99 2.76
C LEU B 107 7.13 8.81 2.19
N ARG B 108 6.44 8.25 1.20
CA ARG B 108 5.28 8.91 0.60
C ARG B 108 4.33 9.45 1.63
N VAL B 109 3.72 8.61 2.45
CA VAL B 109 2.81 9.17 3.45
C VAL B 109 3.44 10.23 4.38
N ALA B 110 4.75 10.28 4.52
CA ALA B 110 5.36 11.30 5.40
C ALA B 110 5.17 12.55 4.58
N ALA B 111 5.63 12.45 3.32
CA ALA B 111 5.56 13.46 2.29
C ALA B 111 4.13 14.04 2.15
N ASP B 112 3.14 13.22 1.75
CA ASP B 112 1.76 13.70 1.65
C ASP B 112 1.28 14.35 2.94
N PHE B 113 1.93 14.03 4.03
CA PHE B 113 1.51 14.54 5.32
C PHE B 113 2.08 15.91 5.46
N LEU B 114 3.40 15.99 5.23
CA LEU B 114 4.22 17.19 5.28
C LEU B 114 3.60 18.30 4.37
N ALA B 115 3.44 17.96 3.10
CA ALA B 115 2.91 18.84 2.07
C ALA B 115 1.45 19.01 2.23
N LYS B 116 0.95 19.21 3.43
CA LYS B 116 -0.51 19.30 3.46
C LYS B 116 -0.98 19.72 4.82
N ASN B 117 -0.03 19.77 5.77
CA ASN B 117 -0.28 20.13 7.16
C ASN B 117 0.96 20.85 7.65
N THR B 118 1.88 21.07 6.75
CA THR B 118 3.10 21.68 7.12
C THR B 118 3.50 22.73 6.11
N SER B 119 4.40 23.60 6.54
CA SER B 119 4.85 24.70 5.73
C SER B 119 5.95 24.37 4.74
N VAL B 120 6.31 23.11 4.60
CA VAL B 120 7.38 22.80 3.68
C VAL B 120 7.06 22.87 2.22
N LYS B 121 8.13 23.07 1.48
CA LYS B 121 8.08 23.25 0.08
C LYS B 121 9.24 22.53 -0.48
N ARG B 122 10.28 22.39 0.32
CA ARG B 122 11.44 21.70 -0.17
C ARG B 122 12.03 20.64 0.72
N VAL B 123 12.50 19.60 0.07
CA VAL B 123 13.15 18.51 0.75
C VAL B 123 14.45 18.25 0.03
N TRP B 124 15.53 18.24 0.81
CA TRP B 124 16.90 18.00 0.39
C TRP B 124 17.41 16.54 0.49
N VAL B 125 17.68 15.90 -0.64
CA VAL B 125 18.18 14.53 -0.68
C VAL B 125 19.56 14.53 -1.35
N SER B 126 20.57 14.05 -0.64
CA SER B 126 21.95 13.99 -1.10
C SER B 126 22.22 13.63 -2.56
N ASN B 127 23.50 13.78 -2.91
CA ASN B 127 23.97 13.49 -4.24
C ASN B 127 25.16 12.54 -3.95
N PRO B 128 25.09 11.29 -4.50
CA PRO B 128 23.98 10.77 -5.31
C PRO B 128 22.99 10.28 -4.35
N SER B 129 21.92 9.67 -4.83
CA SER B 129 20.93 9.09 -3.93
C SER B 129 20.05 8.06 -4.58
N TRP B 130 19.34 7.32 -3.74
CA TRP B 130 18.41 6.32 -4.24
C TRP B 130 17.43 7.13 -5.09
N PRO B 131 17.42 6.91 -6.39
CA PRO B 131 16.54 7.61 -7.34
C PRO B 131 15.07 7.66 -7.16
N ASN B 132 14.54 7.18 -6.06
CA ASN B 132 13.10 7.22 -5.98
C ASN B 132 12.67 8.15 -4.92
N HIS B 133 13.63 8.68 -4.20
CA HIS B 133 13.35 9.66 -3.17
C HIS B 133 12.78 10.88 -3.91
N LYS B 134 13.39 11.21 -5.03
CA LYS B 134 13.00 12.33 -5.86
C LYS B 134 11.56 12.20 -6.28
N SER B 135 11.26 11.07 -6.91
CA SER B 135 9.93 10.78 -7.39
C SER B 135 8.86 10.65 -6.36
N VAL B 136 9.17 10.20 -5.13
CA VAL B 136 8.04 10.05 -4.17
C VAL B 136 7.76 11.39 -3.61
N PHE B 137 8.81 12.20 -3.53
CA PHE B 137 8.67 13.56 -3.03
C PHE B 137 7.96 14.47 -4.04
N ASN B 138 8.41 14.53 -5.29
CA ASN B 138 7.69 15.34 -6.28
C ASN B 138 6.23 14.97 -6.35
N SER B 139 5.93 13.67 -6.28
CA SER B 139 4.56 13.19 -6.35
C SER B 139 3.65 13.76 -5.29
N ALA B 140 4.26 14.33 -4.25
CA ALA B 140 3.58 14.91 -3.08
C ALA B 140 3.36 16.40 -3.12
N GLY B 141 4.10 17.08 -4.00
CA GLY B 141 4.06 18.52 -4.15
C GLY B 141 5.53 18.91 -4.14
N LEU B 142 6.08 18.85 -2.94
CA LEU B 142 7.45 19.07 -2.59
C LEU B 142 8.45 19.08 -3.70
N GLU B 143 9.49 19.90 -3.57
CA GLU B 143 10.52 19.97 -4.57
C GLU B 143 11.78 19.55 -3.89
N VAL B 144 12.63 18.88 -4.65
CA VAL B 144 13.86 18.37 -4.11
C VAL B 144 15.12 18.97 -4.66
N ARG B 145 16.00 19.27 -3.74
CA ARG B 145 17.26 19.85 -4.08
C ARG B 145 18.31 18.96 -3.48
N GLU B 146 19.51 19.06 -3.99
CA GLU B 146 20.55 18.21 -3.53
C GLU B 146 21.60 18.88 -2.70
N TYR B 147 22.16 18.07 -1.83
CA TYR B 147 23.25 18.48 -1.00
C TYR B 147 24.42 17.59 -1.39
N ALA B 148 25.63 18.10 -1.20
CA ALA B 148 26.83 17.39 -1.55
C ALA B 148 27.08 16.20 -0.60
N TYR B 149 27.61 15.10 -1.14
CA TYR B 149 27.81 13.94 -0.31
C TYR B 149 29.06 13.17 -0.51
N TYR B 150 29.15 12.64 -1.71
CA TYR B 150 30.22 11.77 -2.02
C TYR B 150 31.39 12.32 -2.75
N ASP B 151 32.57 12.17 -2.18
CA ASP B 151 33.80 12.59 -2.85
C ASP B 151 34.19 11.42 -3.75
N ALA B 152 33.75 11.49 -4.99
CA ALA B 152 34.00 10.48 -5.99
C ALA B 152 35.46 10.17 -6.27
N GLU B 153 36.27 11.22 -6.34
CA GLU B 153 37.69 11.10 -6.68
C GLU B 153 38.36 10.23 -5.68
N ASN B 154 37.98 10.37 -4.42
CA ASN B 154 38.63 9.59 -3.38
C ASN B 154 37.69 8.65 -2.58
N HIS B 155 36.56 8.38 -3.21
CA HIS B 155 35.52 7.47 -2.71
C HIS B 155 35.16 7.60 -1.25
N THR B 156 34.85 8.81 -0.80
CA THR B 156 34.46 8.96 0.58
C THR B 156 33.42 10.03 0.72
N LEU B 157 33.14 10.40 1.98
CA LEU B 157 32.15 11.43 2.31
C LEU B 157 32.81 12.80 2.38
N ASP B 158 32.46 13.66 1.43
CA ASP B 158 32.98 15.02 1.39
C ASP B 158 32.18 15.80 2.43
N PHE B 159 32.65 15.78 3.67
CA PHE B 159 31.93 16.46 4.74
C PHE B 159 31.82 18.00 4.57
N ASP B 160 32.93 18.68 4.28
CA ASP B 160 32.94 20.14 4.07
C ASP B 160 31.89 20.41 3.06
N ALA B 161 32.14 19.87 1.86
CA ALA B 161 31.20 20.03 0.80
C ALA B 161 29.78 19.63 1.26
N LEU B 162 29.63 18.64 2.14
CA LEU B 162 28.28 18.26 2.55
C LEU B 162 27.69 19.40 3.36
N ILE B 163 28.49 19.88 4.31
CA ILE B 163 28.09 20.93 5.24
C ILE B 163 27.88 22.28 4.60
N ASN B 164 28.77 22.62 3.69
CA ASN B 164 28.69 23.90 3.03
C ASN B 164 27.43 23.99 2.19
N SER B 165 27.03 22.91 1.54
CA SER B 165 25.85 22.97 0.70
C SER B 165 24.55 22.95 1.47
N LEU B 166 24.61 22.37 2.67
CA LEU B 166 23.43 22.28 3.49
C LEU B 166 23.13 23.61 4.08
N ASN B 167 24.19 24.37 4.31
CA ASN B 167 24.09 25.73 4.84
C ASN B 167 23.21 26.59 4.00
N GLU B 168 22.91 26.14 2.79
CA GLU B 168 22.04 26.91 1.90
C GLU B 168 20.57 26.48 1.96
N ALA B 169 20.28 25.61 2.91
CA ALA B 169 18.91 25.16 3.10
C ALA B 169 18.32 26.15 4.12
N GLN B 170 17.01 26.22 4.18
CA GLN B 170 16.35 27.14 5.08
C GLN B 170 15.69 26.51 6.33
N ALA B 171 15.49 27.27 7.41
CA ALA B 171 14.86 26.71 8.60
C ALA B 171 13.43 26.41 8.20
N GLY B 172 13.01 25.16 8.34
CA GLY B 172 11.66 24.79 7.97
C GLY B 172 11.72 23.86 6.80
N ASP B 173 12.90 23.68 6.26
CA ASP B 173 13.07 22.76 5.16
C ASP B 173 13.22 21.31 5.72
N VAL B 174 12.89 20.29 4.92
CA VAL B 174 13.11 18.92 5.38
C VAL B 174 14.35 18.40 4.69
N VAL B 175 15.31 17.94 5.48
CA VAL B 175 16.55 17.36 4.97
C VAL B 175 16.54 15.84 5.20
N LEU B 176 16.69 15.08 4.12
CA LEU B 176 16.68 13.64 4.19
C LEU B 176 18.02 12.95 4.38
N PHE B 177 18.15 12.20 5.48
CA PHE B 177 19.37 11.44 5.75
C PHE B 177 19.06 9.92 5.67
N HIS B 178 20.05 9.11 5.30
CA HIS B 178 19.90 7.66 5.30
C HIS B 178 20.43 7.25 6.67
N GLY B 179 19.68 6.46 7.45
CA GLY B 179 20.11 6.05 8.81
C GLY B 179 21.45 5.33 8.85
N CYS B 180 21.62 4.43 7.89
CA CYS B 180 22.89 3.70 7.71
C CYS B 180 22.85 3.03 6.34
N CYS B 181 24.00 2.65 5.83
CA CYS B 181 24.09 1.98 4.54
C CYS B 181 23.62 2.90 3.43
N HIS B 182 24.44 3.90 3.17
CA HIS B 182 24.08 4.84 2.16
C HIS B 182 23.85 4.20 0.82
N ASN B 183 22.68 4.50 0.25
CA ASN B 183 22.32 4.00 -1.08
C ASN B 183 22.44 5.06 -2.21
N PRO B 184 23.41 4.90 -3.14
CA PRO B 184 24.39 3.81 -3.21
C PRO B 184 25.55 4.32 -2.40
N THR B 185 26.77 4.05 -2.82
CA THR B 185 27.96 4.56 -2.10
C THR B 185 28.27 3.81 -0.82
N GLY B 186 27.24 3.47 -0.04
CA GLY B 186 27.45 2.79 1.22
C GLY B 186 28.47 3.48 2.11
N ILE B 187 28.64 4.78 1.93
CA ILE B 187 29.58 5.55 2.75
C ILE B 187 28.66 6.18 3.75
N ASP B 188 28.95 5.99 5.02
CA ASP B 188 28.07 6.56 6.01
C ASP B 188 28.92 7.41 6.92
N PRO B 189 28.26 8.27 7.71
CA PRO B 189 29.02 9.12 8.60
C PRO B 189 29.27 8.50 9.96
N THR B 190 30.39 8.91 10.51
CA THR B 190 30.85 8.51 11.79
C THR B 190 29.89 9.05 12.80
N LEU B 191 29.97 8.49 14.00
CA LEU B 191 29.15 8.94 15.08
C LEU B 191 29.41 10.46 15.25
N GLU B 192 30.68 10.84 15.21
CA GLU B 192 31.05 12.22 15.34
C GLU B 192 30.35 13.01 14.25
N GLN B 193 30.57 12.65 13.00
CA GLN B 193 29.93 13.37 11.91
C GLN B 193 28.42 13.40 12.06
N TRP B 194 27.83 12.45 12.78
CA TRP B 194 26.37 12.41 12.99
C TRP B 194 25.85 13.41 14.03
N GLN B 195 26.59 13.53 15.14
CA GLN B 195 26.24 14.47 16.22
C GLN B 195 26.25 15.89 15.65
N THR B 196 27.34 16.26 14.98
CA THR B 196 27.45 17.57 14.32
C THR B 196 26.19 17.91 13.51
N LEU B 197 25.89 17.11 12.48
CA LEU B 197 24.67 17.32 11.69
C LEU B 197 23.51 17.43 12.65
N ALA B 198 23.49 16.59 13.69
CA ALA B 198 22.41 16.68 14.66
C ALA B 198 22.32 18.09 15.23
N GLN B 199 23.45 18.66 15.65
CA GLN B 199 23.50 19.99 16.26
C GLN B 199 23.20 21.11 15.27
N LEU B 200 23.78 21.00 14.07
CA LEU B 200 23.56 21.95 13.01
C LEU B 200 22.07 22.05 12.75
N SER B 201 21.49 20.95 12.27
CA SER B 201 20.07 20.90 11.97
C SER B 201 19.22 21.45 13.10
N VAL B 202 19.71 21.44 14.33
CA VAL B 202 18.91 22.00 15.42
C VAL B 202 19.01 23.52 15.33
N GLU B 203 20.23 24.05 15.19
CA GLU B 203 20.44 25.48 15.04
C GLU B 203 19.69 26.02 13.82
N LYS B 204 19.97 25.43 12.65
CA LYS B 204 19.35 25.84 11.39
C LYS B 204 17.86 25.49 11.24
N GLY B 205 17.27 24.94 12.29
CA GLY B 205 15.87 24.63 12.19
C GLY B 205 15.38 23.78 11.04
N TRP B 206 16.16 22.84 10.49
CA TRP B 206 15.66 21.93 9.43
C TRP B 206 14.85 20.83 10.13
N LEU B 207 14.03 20.06 9.40
CA LEU B 207 13.25 18.90 9.94
C LEU B 207 13.94 17.68 9.34
N PRO B 208 14.62 16.85 10.15
CA PRO B 208 15.31 15.68 9.63
C PRO B 208 14.33 14.57 9.32
N LEU B 209 14.44 14.00 8.12
CA LEU B 209 13.61 12.87 7.72
C LEU B 209 14.57 11.73 7.42
N PHE B 210 14.53 10.69 8.24
CA PHE B 210 15.42 9.55 8.07
C PHE B 210 14.84 8.42 7.27
N ASP B 211 15.59 7.95 6.25
CA ASP B 211 15.20 6.75 5.44
C ASP B 211 16.07 5.69 6.11
N PHE B 212 15.40 4.79 6.83
CA PHE B 212 16.08 3.73 7.56
C PHE B 212 15.59 2.38 7.06
N ALA B 213 16.24 1.86 6.01
CA ALA B 213 15.86 0.57 5.40
C ALA B 213 16.89 -0.57 5.54
N TYR B 214 17.93 -0.37 6.31
CA TYR B 214 18.89 -1.42 6.41
C TYR B 214 19.39 -1.59 7.84
N GLN B 215 18.54 -1.39 8.87
CA GLN B 215 19.05 -1.59 10.23
C GLN B 215 19.57 -3.01 10.40
N GLY B 216 20.84 -3.10 10.77
CA GLY B 216 21.46 -4.39 10.95
C GLY B 216 22.41 -4.86 9.88
N PHE B 217 22.47 -4.19 8.76
CA PHE B 217 23.37 -4.67 7.70
C PHE B 217 24.74 -4.06 7.66
N ALA B 218 24.98 -3.09 8.54
CA ALA B 218 26.32 -2.46 8.57
C ALA B 218 26.62 -2.46 10.03
N ARG B 219 27.66 -3.17 10.45
CA ARG B 219 28.00 -3.24 11.88
C ARG B 219 27.04 -4.05 12.79
N GLY B 220 25.87 -3.51 13.08
CA GLY B 220 24.96 -4.19 13.97
C GLY B 220 23.53 -3.70 13.93
N LEU B 221 22.88 -3.60 15.07
CA LEU B 221 21.52 -3.20 14.98
C LEU B 221 21.25 -2.01 15.83
N GLU B 222 21.68 -2.07 17.07
CA GLU B 222 21.50 -0.94 17.95
C GLU B 222 22.64 0.04 17.59
N GLU B 223 23.52 -0.39 16.68
CA GLU B 223 24.68 0.35 16.22
C GLU B 223 24.41 1.00 14.90
N ASP B 224 23.27 0.68 14.35
CA ASP B 224 22.93 1.26 13.09
C ASP B 224 22.02 2.44 13.31
N ALA B 225 21.31 2.34 14.43
CA ALA B 225 20.40 3.37 14.83
C ALA B 225 21.15 4.46 15.61
N GLU B 226 22.48 4.41 15.64
CA GLU B 226 23.29 5.38 16.41
C GLU B 226 23.16 6.83 15.96
N GLY B 227 23.23 7.04 14.65
CA GLY B 227 23.11 8.36 14.11
C GLY B 227 21.72 8.82 14.42
N LEU B 228 20.77 8.00 14.04
CA LEU B 228 19.37 8.30 14.24
C LEU B 228 19.14 8.62 15.70
N ARG B 229 19.85 7.96 16.58
CA ARG B 229 19.60 8.21 17.99
C ARG B 229 20.26 9.51 18.46
N ALA B 230 21.27 9.99 17.72
CA ALA B 230 21.96 11.25 18.08
C ALA B 230 21.12 12.48 17.79
N PHE B 231 20.25 12.34 16.78
CA PHE B 231 19.29 13.37 16.39
C PHE B 231 18.10 13.41 17.33
N ALA B 232 17.59 12.23 17.66
CA ALA B 232 16.44 12.08 18.53
C ALA B 232 16.61 12.77 19.87
N ALA B 233 17.81 12.64 20.43
CA ALA B 233 18.12 13.27 21.72
C ALA B 233 18.06 14.82 21.69
N MET B 234 18.49 15.35 20.54
CA MET B 234 18.57 16.78 20.29
C MET B 234 17.27 17.34 19.79
N HIS B 235 16.78 16.84 18.67
CA HIS B 235 15.54 17.38 18.15
C HIS B 235 14.27 17.15 18.95
N LYS B 236 13.26 17.92 18.57
CA LYS B 236 11.92 17.93 19.15
C LYS B 236 10.96 17.22 18.21
N GLU B 237 11.33 17.17 16.93
CA GLU B 237 10.48 16.53 15.93
C GLU B 237 11.34 15.81 14.89
N LEU B 238 10.83 14.67 14.41
CA LEU B 238 11.47 13.94 13.32
C LEU B 238 10.53 12.97 12.71
N ILE B 239 10.97 12.40 11.58
CA ILE B 239 10.17 11.45 10.84
C ILE B 239 11.02 10.32 10.34
N VAL B 240 10.76 9.09 10.78
CA VAL B 240 11.52 7.94 10.30
C VAL B 240 10.65 7.04 9.45
N ALA B 241 11.19 6.75 8.29
CA ALA B 241 10.52 5.92 7.36
C ALA B 241 11.41 4.70 7.35
N SER B 242 10.95 3.73 8.17
CA SER B 242 11.58 2.43 8.46
C SER B 242 11.16 1.35 7.52
N SER B 243 12.03 0.36 7.34
CA SER B 243 11.71 -0.79 6.49
C SER B 243 12.24 -2.11 7.04
N TYR B 244 11.41 -3.16 6.93
CA TYR B 244 11.81 -4.51 7.38
C TYR B 244 11.78 -5.52 6.22
N SER B 245 12.13 -5.08 5.01
CA SER B 245 12.14 -5.86 3.79
C SER B 245 13.42 -6.63 3.56
N LYS B 246 14.48 -6.07 4.08
CA LYS B 246 15.80 -6.64 3.85
C LYS B 246 16.24 -7.44 5.04
N ASN B 247 16.21 -6.77 6.21
CA ASN B 247 16.62 -7.38 7.45
C ASN B 247 15.76 -8.56 7.97
N PHE B 248 14.57 -8.72 7.37
CA PHE B 248 13.58 -9.76 7.64
C PHE B 248 13.26 -10.48 6.32
N GLY B 249 14.05 -10.20 5.29
CA GLY B 249 13.84 -10.84 4.01
C GLY B 249 12.39 -10.87 3.56
N LEU B 250 11.62 -9.86 3.96
CA LEU B 250 10.18 -9.70 3.66
C LEU B 250 9.78 -8.81 2.42
N TYR B 251 10.70 -8.63 1.48
CA TYR B 251 10.48 -7.81 0.28
C TYR B 251 9.08 -7.73 -0.31
N ASN B 252 8.33 -8.82 -0.43
CA ASN B 252 7.04 -8.67 -1.09
C ASN B 252 5.85 -8.67 -0.25
N GLU B 253 6.08 -8.59 1.05
CA GLU B 253 4.90 -8.64 1.89
C GLU B 253 4.55 -7.24 2.30
N ARG B 254 5.55 -6.37 2.05
CA ARG B 254 5.54 -4.93 2.28
C ARG B 254 5.37 -4.52 3.72
N VAL B 255 6.47 -4.43 4.44
CA VAL B 255 6.42 -4.09 5.86
C VAL B 255 7.34 -2.90 6.11
N GLY B 256 6.83 -1.89 6.78
CA GLY B 256 7.65 -0.75 7.11
C GLY B 256 6.84 0.06 8.05
N ALA B 257 7.45 1.11 8.56
CA ALA B 257 6.72 1.97 9.45
C ALA B 257 7.12 3.43 9.24
N CYS B 258 6.26 4.31 9.70
CA CYS B 258 6.47 5.72 9.62
C CYS B 258 6.36 6.23 11.01
N THR B 259 7.51 6.51 11.58
CA THR B 259 7.53 7.01 12.92
C THR B 259 7.56 8.54 12.90
N LEU B 260 6.63 9.16 13.63
CA LEU B 260 6.50 10.62 13.75
C LEU B 260 6.85 11.09 15.15
N VAL B 261 7.98 11.74 15.38
CA VAL B 261 8.26 12.21 16.74
C VAL B 261 8.02 13.69 16.81
N ALA B 262 7.39 14.12 17.91
CA ALA B 262 7.03 15.50 18.18
C ALA B 262 7.44 15.84 19.57
N ALA B 263 7.39 17.13 19.86
CA ALA B 263 7.80 17.70 21.13
C ALA B 263 7.10 17.12 22.31
N ASP B 264 5.86 16.73 22.09
CA ASP B 264 5.12 16.14 23.18
C ASP B 264 3.93 15.31 22.68
N SER B 265 3.34 14.57 23.61
CA SER B 265 2.20 13.69 23.39
C SER B 265 1.09 14.30 22.58
N GLU B 266 0.36 15.23 23.21
CA GLU B 266 -0.79 15.90 22.60
C GLU B 266 -0.51 16.44 21.20
N THR B 267 0.71 16.92 20.98
CA THR B 267 1.09 17.44 19.69
C THR B 267 1.19 16.31 18.73
N VAL B 268 2.14 15.41 19.00
CA VAL B 268 2.32 14.28 18.13
C VAL B 268 1.00 13.61 17.97
N ASP B 269 0.19 13.63 19.01
CA ASP B 269 -1.15 13.02 18.90
C ASP B 269 -1.86 13.74 17.77
N ARG B 270 -2.11 15.04 17.98
CA ARG B 270 -2.76 15.92 17.03
C ARG B 270 -2.15 15.78 15.63
N ALA B 271 -0.82 15.81 15.53
CA ALA B 271 -0.20 15.70 14.21
C ALA B 271 -0.50 14.34 13.59
N PHE B 272 -0.29 13.31 14.39
CA PHE B 272 -0.51 11.93 13.94
C PHE B 272 -1.93 11.72 13.40
N SER B 273 -2.91 12.38 13.98
CA SER B 273 -4.24 12.19 13.44
C SER B 273 -4.33 12.66 12.01
N GLN B 274 -3.44 13.56 11.59
CA GLN B 274 -3.46 14.07 10.19
C GLN B 274 -2.81 13.02 9.32
N MET B 275 -1.69 12.47 9.79
CA MET B 275 -0.97 11.42 9.08
C MET B 275 -1.89 10.28 8.82
N LYS B 276 -2.73 9.96 9.80
CA LYS B 276 -3.67 8.88 9.61
C LYS B 276 -4.55 9.21 8.44
N ALA B 277 -5.14 10.39 8.46
CA ALA B 277 -5.99 10.80 7.34
C ALA B 277 -5.25 10.74 5.96
N ALA B 278 -3.97 11.06 5.97
CA ALA B 278 -3.21 11.03 4.74
C ALA B 278 -3.16 9.56 4.16
N ILE B 279 -3.08 8.57 5.05
CA ILE B 279 -3.02 7.13 4.70
C ILE B 279 -4.41 6.66 4.31
N ARG B 280 -5.40 7.13 5.03
CA ARG B 280 -6.78 6.74 4.72
C ARG B 280 -7.16 7.01 3.31
N ALA B 281 -6.43 7.93 2.69
CA ALA B 281 -6.81 8.37 1.34
C ALA B 281 -5.89 7.85 0.34
N ASN B 282 -5.07 6.91 0.81
CA ASN B 282 -4.09 6.27 -0.03
C ASN B 282 -4.46 4.81 -0.20
N TYR B 283 -4.10 3.99 0.82
CA TYR B 283 -4.35 2.55 0.81
C TYR B 283 -5.32 2.04 1.85
N SER B 284 -5.84 2.96 2.65
CA SER B 284 -6.82 2.73 3.71
C SER B 284 -6.30 2.21 5.08
N ASN B 285 -5.58 1.09 5.08
CA ASN B 285 -5.00 0.46 6.30
C ASN B 285 -3.90 -0.44 5.76
N PRO B 286 -2.96 -0.90 6.62
CA PRO B 286 -1.91 -1.72 6.02
C PRO B 286 -2.12 -3.25 5.91
N PRO B 287 -1.32 -3.89 5.00
CA PRO B 287 -1.42 -5.32 4.77
C PRO B 287 -0.93 -6.03 6.04
N ALA B 288 -1.80 -6.84 6.61
CA ALA B 288 -1.53 -7.52 7.89
C ALA B 288 -0.39 -8.58 7.97
N HIS B 289 -0.30 -9.47 6.98
CA HIS B 289 0.73 -10.50 7.01
C HIS B 289 2.10 -10.17 7.50
N GLY B 290 2.91 -9.67 6.59
CA GLY B 290 4.29 -9.33 6.91
C GLY B 290 4.62 -8.68 8.23
N ALA B 291 3.69 -7.92 8.76
CA ALA B 291 3.89 -7.24 10.04
C ALA B 291 3.46 -8.10 11.20
N SER B 292 2.42 -8.89 10.95
CA SER B 292 1.94 -9.85 11.94
C SER B 292 3.17 -10.76 12.13
N VAL B 293 3.81 -11.14 11.04
CA VAL B 293 5.04 -11.95 11.13
C VAL B 293 6.19 -11.29 11.92
N VAL B 294 6.47 -10.01 11.66
CA VAL B 294 7.57 -9.29 12.32
C VAL B 294 7.31 -9.06 13.80
N ALA B 295 6.07 -8.72 14.12
CA ALA B 295 5.71 -8.49 15.53
C ALA B 295 5.93 -9.82 16.31
N THR B 296 5.47 -10.94 15.74
CA THR B 296 5.59 -12.32 16.25
C THR B 296 7.06 -12.68 16.58
N ILE B 297 7.93 -12.62 15.57
CA ILE B 297 9.34 -12.84 15.77
C ILE B 297 9.95 -11.91 16.81
N LEU B 298 9.54 -10.65 16.81
CA LEU B 298 10.13 -9.67 17.74
C LEU B 298 9.53 -9.77 19.12
N SER B 299 8.33 -10.36 19.16
CA SER B 299 7.57 -10.54 20.40
C SER B 299 8.02 -11.77 21.17
N ASN B 300 8.56 -12.75 20.45
CA ASN B 300 8.99 -14.06 20.95
C ASN B 300 10.53 -14.25 21.01
N ASP B 301 11.06 -14.41 22.22
CA ASP B 301 12.53 -14.53 22.40
C ASP B 301 13.29 -15.66 21.72
N ALA B 302 12.59 -16.75 21.45
CA ALA B 302 13.19 -17.90 20.80
C ALA B 302 13.44 -17.52 19.35
N LEU B 303 12.33 -17.17 18.68
CA LEU B 303 12.31 -16.73 17.30
C LEU B 303 13.20 -15.54 17.07
N ARG B 304 13.03 -14.51 17.89
CA ARG B 304 13.82 -13.29 17.75
C ARG B 304 15.29 -13.66 17.70
N ALA B 305 15.68 -14.52 18.63
CA ALA B 305 17.03 -15.04 18.77
C ALA B 305 17.50 -15.74 17.52
N ILE B 306 16.59 -16.50 16.91
CA ILE B 306 16.93 -17.23 15.69
C ILE B 306 17.19 -16.19 14.64
N TRP B 307 16.18 -15.31 14.47
CA TRP B 307 16.18 -14.19 13.53
C TRP B 307 17.46 -13.38 13.57
N GLU B 308 17.91 -12.98 14.77
CA GLU B 308 19.14 -12.17 14.80
C GLU B 308 20.33 -12.90 14.32
N GLN B 309 20.30 -14.23 14.43
CA GLN B 309 21.41 -15.06 13.98
C GLN B 309 21.32 -15.13 12.49
N GLU B 310 20.10 -15.32 11.99
CA GLU B 310 19.90 -15.38 10.52
C GLU B 310 20.35 -14.12 9.76
N LEU B 311 20.13 -12.94 10.38
CA LEU B 311 20.50 -11.62 9.83
C LEU B 311 22.01 -11.42 9.93
N THR B 312 22.57 -11.81 11.09
CA THR B 312 24.03 -11.75 11.31
C THR B 312 24.78 -12.65 10.34
N ASP B 313 24.08 -13.55 9.68
CA ASP B 313 24.73 -14.44 8.71
C ASP B 313 24.76 -13.67 7.42
N MET B 314 23.57 -13.18 7.04
CA MET B 314 23.33 -12.39 5.81
C MET B 314 24.34 -11.28 5.73
N ARG B 315 24.49 -10.60 6.86
CA ARG B 315 25.41 -9.48 6.94
C ARG B 315 26.81 -9.87 6.69
N GLN B 316 27.25 -10.90 7.38
CA GLN B 316 28.63 -11.34 7.27
C GLN B 316 28.92 -12.04 5.95
N ARG B 317 27.87 -12.50 5.28
CA ARG B 317 28.02 -13.24 4.03
C ARG B 317 28.43 -12.24 3.00
N ILE B 318 28.13 -11.00 3.35
CA ILE B 318 28.41 -9.84 2.54
C ILE B 318 29.81 -9.31 2.82
N GLN B 319 30.11 -8.99 4.08
CA GLN B 319 31.41 -8.46 4.46
C GLN B 319 32.53 -9.28 3.89
N ARG B 320 32.19 -10.51 3.60
CA ARG B 320 33.07 -11.51 3.06
C ARG B 320 33.24 -11.36 1.56
N MET B 321 32.09 -11.21 0.91
CA MET B 321 31.94 -11.05 -0.53
C MET B 321 32.59 -9.72 -1.02
N ARG B 322 32.72 -8.74 -0.12
CA ARG B 322 33.39 -7.44 -0.37
C ARG B 322 34.82 -7.83 -0.69
N GLN B 323 35.49 -8.35 0.33
CA GLN B 323 36.89 -8.82 0.34
C GLN B 323 37.21 -9.68 -0.86
N LEU B 324 36.45 -10.75 -1.03
CA LEU B 324 36.66 -11.70 -2.10
C LEU B 324 36.63 -11.03 -3.49
N PHE B 325 35.77 -9.99 -3.63
CA PHE B 325 35.60 -9.18 -4.88
C PHE B 325 36.88 -8.40 -5.20
N VAL B 326 37.32 -7.58 -4.27
CA VAL B 326 38.55 -6.85 -4.46
C VAL B 326 39.71 -7.84 -4.74
N ASN B 327 39.83 -8.87 -3.90
CA ASN B 327 40.90 -9.87 -4.01
C ASN B 327 40.96 -10.59 -5.33
N THR B 328 39.81 -10.96 -5.84
CA THR B 328 39.73 -11.64 -7.13
C THR B 328 39.98 -10.60 -8.21
N LEU B 329 39.62 -9.34 -7.89
CA LEU B 329 39.81 -8.24 -8.83
C LEU B 329 41.27 -8.16 -9.09
N GLN B 330 42.05 -8.02 -8.02
CA GLN B 330 43.49 -7.98 -8.17
C GLN B 330 43.99 -9.24 -8.84
N GLU B 331 43.77 -10.41 -8.25
CA GLU B 331 44.34 -11.59 -8.84
C GLU B 331 43.90 -11.87 -10.24
N LYS B 332 42.81 -11.22 -10.64
CA LYS B 332 42.38 -11.37 -12.02
C LYS B 332 42.90 -10.17 -12.88
N GLY B 333 43.82 -9.41 -12.31
CA GLY B 333 44.46 -8.30 -12.99
C GLY B 333 43.77 -7.00 -13.32
N ALA B 334 43.35 -6.27 -12.31
CA ALA B 334 42.69 -4.99 -12.49
C ALA B 334 43.76 -3.90 -12.29
N ASN B 335 43.45 -2.64 -12.64
CA ASN B 335 44.38 -1.51 -12.45
C ASN B 335 43.85 -0.73 -11.25
N ARG B 336 42.63 -0.21 -11.41
CA ARG B 336 41.98 0.55 -10.36
C ARG B 336 42.01 -0.23 -9.08
N ASP B 337 42.61 0.38 -8.07
CA ASP B 337 42.62 -0.22 -6.77
C ASP B 337 41.17 0.02 -6.30
N PHE B 338 40.50 -1.09 -5.96
CA PHE B 338 39.11 -1.06 -5.50
C PHE B 338 38.99 -1.35 -3.99
N SER B 339 40.10 -1.21 -3.28
CA SER B 339 40.10 -1.45 -1.85
C SER B 339 39.07 -0.63 -1.11
N PHE B 340 38.50 0.37 -1.76
CA PHE B 340 37.54 1.21 -1.07
C PHE B 340 36.25 0.44 -0.83
N ILE B 341 35.97 -0.53 -1.70
CA ILE B 341 34.77 -1.35 -1.60
C ILE B 341 34.59 -1.94 -0.24
N ILE B 342 35.70 -2.27 0.42
CA ILE B 342 35.68 -2.85 1.75
C ILE B 342 35.31 -1.82 2.80
N LYS B 343 35.58 -0.55 2.49
CA LYS B 343 35.28 0.56 3.39
C LYS B 343 33.78 0.83 3.55
N GLN B 344 33.02 0.50 2.50
CA GLN B 344 31.57 0.67 2.45
C GLN B 344 30.73 -0.30 3.35
N ASN B 345 29.40 -0.12 3.39
CA ASN B 345 28.48 -0.89 4.22
C ASN B 345 27.16 -1.19 3.49
N GLY B 346 26.55 -2.37 3.75
CA GLY B 346 25.28 -2.78 3.13
C GLY B 346 25.38 -3.64 1.89
N MET B 347 24.27 -3.79 1.20
CA MET B 347 24.29 -4.59 0.01
C MET B 347 25.02 -4.11 -1.17
N PHE B 348 25.26 -2.81 -1.24
CA PHE B 348 25.88 -2.25 -2.44
C PHE B 348 27.29 -1.75 -2.33
N SER B 349 27.74 -1.20 -3.46
CA SER B 349 29.05 -0.63 -3.59
C SER B 349 29.11 0.23 -4.83
N PHE B 350 29.50 1.47 -4.64
CA PHE B 350 29.61 2.35 -5.74
C PHE B 350 30.87 1.92 -6.39
N SER B 351 30.73 1.27 -7.54
CA SER B 351 31.92 0.73 -8.24
C SER B 351 32.91 1.67 -8.84
N GLY B 352 32.40 2.73 -9.49
CA GLY B 352 33.25 3.72 -10.15
C GLY B 352 33.49 3.30 -11.57
N LEU B 353 32.47 2.72 -12.17
CA LEU B 353 32.54 2.23 -13.51
C LEU B 353 31.71 3.15 -14.32
N THR B 354 32.25 3.54 -15.45
CA THR B 354 31.56 4.45 -16.33
C THR B 354 30.26 3.87 -16.82
N LYS B 355 29.32 4.75 -17.09
CA LYS B 355 28.01 4.38 -17.59
C LYS B 355 28.11 3.50 -18.80
N GLU B 356 29.10 3.78 -19.65
CA GLU B 356 29.24 3.00 -20.87
C GLU B 356 29.99 1.71 -20.64
N GLN B 357 30.67 1.64 -19.51
CA GLN B 357 31.36 0.42 -19.09
C GLN B 357 30.20 -0.47 -18.65
N VAL B 358 29.44 -0.04 -17.64
CA VAL B 358 28.29 -0.80 -17.19
C VAL B 358 27.32 -1.14 -18.34
N LEU B 359 27.51 -0.57 -19.52
CA LEU B 359 26.58 -0.92 -20.58
C LEU B 359 27.17 -2.07 -21.37
N ARG B 360 28.50 -2.09 -21.44
CA ARG B 360 29.26 -3.10 -22.18
C ARG B 360 29.14 -4.40 -21.40
N LEU B 361 29.14 -4.27 -20.08
CA LEU B 361 29.02 -5.43 -19.24
C LEU B 361 27.72 -6.11 -19.57
N ARG B 362 26.61 -5.41 -19.50
CA ARG B 362 25.34 -6.06 -19.84
C ARG B 362 25.26 -6.54 -21.22
N GLU B 363 26.26 -6.31 -22.04
CA GLU B 363 26.06 -6.73 -23.41
C GLU B 363 27.07 -7.67 -23.92
N GLU B 364 28.32 -7.34 -23.74
CA GLU B 364 29.34 -8.23 -24.17
C GLU B 364 29.37 -9.40 -23.19
N PHE B 365 29.10 -9.06 -21.93
CA PHE B 365 29.22 -9.99 -20.83
C PHE B 365 28.04 -10.49 -19.96
N GLY B 366 26.82 -10.08 -20.24
CA GLY B 366 25.74 -10.52 -19.37
C GLY B 366 25.72 -9.99 -17.93
N VAL B 367 26.78 -9.33 -17.45
CA VAL B 367 26.82 -8.77 -16.07
C VAL B 367 25.85 -7.57 -15.93
N TYR B 368 25.11 -7.47 -14.82
CA TYR B 368 24.12 -6.40 -14.70
C TYR B 368 24.23 -5.51 -13.51
N ALA B 369 24.85 -4.34 -13.68
CA ALA B 369 24.96 -3.37 -12.59
C ALA B 369 24.01 -2.29 -12.95
N VAL B 370 23.76 -1.41 -11.97
CA VAL B 370 22.90 -0.26 -12.17
C VAL B 370 23.74 0.79 -12.96
N ALA B 371 23.10 1.66 -13.76
CA ALA B 371 23.86 2.59 -14.59
C ALA B 371 24.82 3.50 -13.83
N SER B 372 24.56 3.73 -12.54
CA SER B 372 25.49 4.48 -11.70
C SER B 372 26.75 3.69 -11.45
N GLY B 373 26.72 2.41 -11.83
CA GLY B 373 27.84 1.51 -11.60
C GLY B 373 27.74 0.90 -10.21
N ARG B 374 26.53 1.01 -9.63
CA ARG B 374 26.19 0.44 -8.33
C ARG B 374 26.07 -1.05 -8.62
N VAL B 375 26.65 -1.84 -7.73
CA VAL B 375 26.60 -3.29 -7.82
C VAL B 375 26.08 -3.82 -6.49
N ASN B 376 25.26 -4.86 -6.53
CA ASN B 376 24.76 -5.47 -5.29
C ASN B 376 25.77 -6.52 -4.85
N VAL B 377 26.61 -6.27 -3.83
CA VAL B 377 27.61 -7.27 -3.38
C VAL B 377 26.91 -8.56 -2.94
N ALA B 378 25.79 -8.37 -2.26
CA ALA B 378 24.93 -9.42 -1.77
C ALA B 378 24.31 -10.26 -2.87
N GLY B 379 24.87 -10.30 -4.06
CA GLY B 379 24.30 -11.10 -5.14
C GLY B 379 25.46 -11.74 -5.89
N MET B 380 26.63 -11.43 -5.36
CA MET B 380 27.90 -11.95 -5.81
C MET B 380 28.01 -13.29 -5.03
N THR B 381 28.47 -14.34 -5.71
CA THR B 381 28.56 -15.67 -5.13
C THR B 381 29.92 -16.28 -5.42
N PRO B 382 30.44 -17.11 -4.49
CA PRO B 382 31.75 -17.74 -4.69
C PRO B 382 31.87 -18.44 -6.03
N ASP B 383 30.72 -18.75 -6.62
CA ASP B 383 30.61 -19.39 -7.91
C ASP B 383 30.59 -18.45 -9.08
N ASN B 384 30.04 -17.25 -8.90
CA ASN B 384 30.03 -16.28 -10.01
C ASN B 384 31.11 -15.22 -9.86
N MET B 385 31.79 -15.17 -8.72
CA MET B 385 32.85 -14.18 -8.53
C MET B 385 33.90 -14.20 -9.58
N ALA B 386 34.14 -15.34 -10.20
CA ALA B 386 35.18 -15.39 -11.25
C ALA B 386 34.76 -14.84 -12.60
N PRO B 387 33.65 -15.37 -13.17
CA PRO B 387 33.22 -14.84 -14.48
C PRO B 387 32.93 -13.32 -14.43
N LEU B 388 32.49 -12.86 -13.27
CA LEU B 388 32.16 -11.46 -13.00
C LEU B 388 33.44 -10.66 -13.05
N CYS B 389 34.37 -10.94 -12.13
CA CYS B 389 35.65 -10.22 -12.06
C CYS B 389 36.50 -10.18 -13.33
N GLU B 390 36.18 -11.04 -14.28
CA GLU B 390 36.88 -11.08 -15.56
C GLU B 390 36.20 -10.09 -16.50
N ALA B 391 34.88 -10.02 -16.41
CA ALA B 391 34.07 -9.11 -17.19
C ALA B 391 34.53 -7.73 -16.74
N ILE B 392 34.20 -7.35 -15.53
CA ILE B 392 34.61 -6.06 -14.99
C ILE B 392 36.05 -5.69 -15.33
N VAL B 393 36.93 -6.67 -15.22
CA VAL B 393 38.34 -6.45 -15.50
C VAL B 393 38.64 -6.31 -17.01
N ALA B 394 37.71 -6.74 -17.82
CA ALA B 394 37.83 -6.68 -19.29
C ALA B 394 37.22 -5.40 -19.90
N VAL B 395 36.69 -4.51 -19.06
CA VAL B 395 36.10 -3.31 -19.59
C VAL B 395 36.78 -2.03 -19.07
N LEU B 396 37.88 -2.20 -18.35
CA LEU B 396 38.68 -1.10 -17.81
C LEU B 396 39.79 -0.79 -18.83
#